data_4PWM
# 
_entry.id   4PWM 
# 
_audit_conform.dict_name       mmcif_pdbx.dic 
_audit_conform.dict_version    5.379 
_audit_conform.dict_location   http://mmcif.pdb.org/dictionaries/ascii/mmcif_pdbx.dic 
# 
loop_
_database_2.database_id 
_database_2.database_code 
_database_2.pdbx_database_accession 
_database_2.pdbx_DOI 
PDB   4PWM         pdb_00004pwm 10.2210/pdb4pwm/pdb 
NDB   NA2964       ?            ?                   
RCSB  RCSB085310   ?            ?                   
WWPDB D_1000085310 ?            ?                   
# 
_pdbx_database_status.status_code                     REL 
_pdbx_database_status.entry_id                        4PWM 
_pdbx_database_status.recvd_initial_deposition_date   2014-03-20 
_pdbx_database_status.deposit_site                    RCSB 
_pdbx_database_status.process_site                    RCSB 
_pdbx_database_status.status_code_sf                  REL 
_pdbx_database_status.status_code_mr                  ? 
_pdbx_database_status.SG_entry                        ? 
_pdbx_database_status.status_code_cs                  ? 
_pdbx_database_status.methods_development_category    ? 
_pdbx_database_status.pdb_format_compatible           Y 
_pdbx_database_status.status_code_nmr_data            ? 
# 
loop_
_audit_author.name 
_audit_author.pdbx_ordinal 
_audit_author.identifier_ORCID 
'Szulik, M.W.' 1 ? 
'Pallan, P.'   2 ? 
'Banerjee, S.' 3 ? 
'Voehler, M.'  4 ? 
'Egli, M.'     5 ? 
'Stone, M.P.'  6 ? 
# 
_citation.id                        primary 
_citation.title                     
;Differential stabilities and sequence-dependent base pair opening dynamics of watson-crick base pairs with 5-hydroxymethylcytosine, 5-formylcytosine, or 5-carboxylcytosine.
;
_citation.journal_abbrev            Biochemistry 
_citation.journal_volume            54 
_citation.page_first                1294 
_citation.page_last                 1305 
_citation.year                      2015 
_citation.journal_id_ASTM           BICHAW 
_citation.country                   US 
_citation.journal_id_ISSN           0006-2960 
_citation.journal_id_CSD            0033 
_citation.book_publisher            ? 
_citation.pdbx_database_id_PubMed   25632825 
_citation.pdbx_database_id_DOI      10.1021/bi501534x 
# 
loop_
_citation_author.citation_id 
_citation_author.name 
_citation_author.ordinal 
_citation_author.identifier_ORCID 
primary 'Szulik, M.W.'   1  ? 
primary 'Pallan, P.S.'   2  ? 
primary 'Nocek, B.'      3  ? 
primary 'Voehler, M.'    4  ? 
primary 'Banerjee, S.'   5  ? 
primary 'Brooks, S.'     6  ? 
primary 'Joachimiak, A.' 7  ? 
primary 'Egli, M.'       8  ? 
primary 'Eichman, B.F.'  9  ? 
primary 'Stone, M.P.'    10 ? 
# 
_cell.entry_id           4PWM 
_cell.length_a           24.250 
_cell.length_b           41.340 
_cell.length_c           66.410 
_cell.angle_alpha        90.00 
_cell.angle_beta         90.00 
_cell.angle_gamma        90.00 
_cell.Z_PDB              8 
_cell.pdbx_unique_axis   ? 
_cell.length_a_esd       ? 
_cell.length_b_esd       ? 
_cell.length_c_esd       ? 
_cell.angle_alpha_esd    ? 
_cell.angle_beta_esd     ? 
_cell.angle_gamma_esd    ? 
# 
_symmetry.entry_id                         4PWM 
_symmetry.space_group_name_H-M             'P 21 21 21' 
_symmetry.pdbx_full_space_group_name_H-M   ? 
_symmetry.cell_setting                     ? 
_symmetry.Int_Tables_number                19 
_symmetry.space_group_name_Hall            ? 
# 
loop_
_entity.id 
_entity.type 
_entity.src_method 
_entity.pdbx_description 
_entity.formula_weight 
_entity.pdbx_number_of_molecules 
_entity.pdbx_ec 
_entity.pdbx_mutation 
_entity.pdbx_fragment 
_entity.details 
1 polymer syn "5'-[CGCGAATT(5CC)GCG]-3'" 3707.402 2  ? ? ? ? 
2 water   nat water                      18.015   12 ? ? ? ? 
# 
_entity_poly.entity_id                      1 
_entity_poly.type                           polydeoxyribonucleotide 
_entity_poly.nstd_linkage                   no 
_entity_poly.nstd_monomer                   yes 
_entity_poly.pdbx_seq_one_letter_code       '(DC)(DG)(DC)(DG)(DA)(DA)(DT)(DT)(1CC)(DG)(DC)(DG)' 
_entity_poly.pdbx_seq_one_letter_code_can   CGCGAATTXGCG 
_entity_poly.pdbx_strand_id                 A,B 
_entity_poly.pdbx_target_identifier         ? 
# 
loop_
_entity_poly_seq.entity_id 
_entity_poly_seq.num 
_entity_poly_seq.mon_id 
_entity_poly_seq.hetero 
1 1  DC  n 
1 2  DG  n 
1 3  DC  n 
1 4  DG  n 
1 5  DA  n 
1 6  DA  n 
1 7  DT  n 
1 8  DT  n 
1 9  1CC n 
1 10 DG  n 
1 11 DC  n 
1 12 DG  n 
# 
_pdbx_entity_src_syn.entity_id              1 
_pdbx_entity_src_syn.pdbx_src_id            1 
_pdbx_entity_src_syn.pdbx_alt_source_flag   sample 
_pdbx_entity_src_syn.pdbx_beg_seq_num       ? 
_pdbx_entity_src_syn.pdbx_end_seq_num       ? 
_pdbx_entity_src_syn.organism_scientific    ? 
_pdbx_entity_src_syn.organism_common_name   ? 
_pdbx_entity_src_syn.ncbi_taxonomy_id       ? 
_pdbx_entity_src_syn.details                'chemically synthesized oligonucleotides' 
# 
_struct_ref.id                         1 
_struct_ref.db_name                    PDB 
_struct_ref.db_code                    4PWM 
_struct_ref.pdbx_db_accession          4PWM 
_struct_ref.entity_id                  1 
_struct_ref.pdbx_align_begin           ? 
_struct_ref.pdbx_seq_one_letter_code   CGCGAATTXGCG 
_struct_ref.pdbx_db_isoform            ? 
# 
loop_
_struct_ref_seq.align_id 
_struct_ref_seq.ref_id 
_struct_ref_seq.pdbx_PDB_id_code 
_struct_ref_seq.pdbx_strand_id 
_struct_ref_seq.seq_align_beg 
_struct_ref_seq.pdbx_seq_align_beg_ins_code 
_struct_ref_seq.seq_align_end 
_struct_ref_seq.pdbx_seq_align_end_ins_code 
_struct_ref_seq.pdbx_db_accession 
_struct_ref_seq.db_align_beg 
_struct_ref_seq.pdbx_db_align_beg_ins_code 
_struct_ref_seq.db_align_end 
_struct_ref_seq.pdbx_db_align_end_ins_code 
_struct_ref_seq.pdbx_auth_seq_align_beg 
_struct_ref_seq.pdbx_auth_seq_align_end 
1 1 4PWM A 1 ? 12 ? 4PWM 1  ? 12 ? 1  12 
2 1 4PWM B 1 ? 12 ? 4PWM 13 ? 24 ? 13 24 
# 
loop_
_chem_comp.id 
_chem_comp.type 
_chem_comp.mon_nstd_flag 
_chem_comp.name 
_chem_comp.pdbx_synonyms 
_chem_comp.formula 
_chem_comp.formula_weight 
1CC 'DNA linking' n 
;5-carboxy-2'-deoxycytidine monophosphate
;
? 'C10 H14 N3 O9 P' 351.207 
DA  'DNA linking' y "2'-DEOXYADENOSINE-5'-MONOPHOSPHATE"       ? 'C10 H14 N5 O6 P' 331.222 
DC  'DNA linking' y "2'-DEOXYCYTIDINE-5'-MONOPHOSPHATE"        ? 'C9 H14 N3 O7 P'  307.197 
DG  'DNA linking' y "2'-DEOXYGUANOSINE-5'-MONOPHOSPHATE"       ? 'C10 H14 N5 O7 P' 347.221 
DT  'DNA linking' y "THYMIDINE-5'-MONOPHOSPHATE"               ? 'C10 H15 N2 O8 P' 322.208 
HOH non-polymer   . WATER                                      ? 'H2 O'            18.015  
# 
_exptl.entry_id          4PWM 
_exptl.method            'X-RAY DIFFRACTION' 
_exptl.crystals_number   1 
# 
_exptl_crystal.id                    1 
_exptl_crystal.density_meas          ? 
_exptl_crystal.density_Matthews      2.24 
_exptl_crystal.density_percent_sol   45.20 
_exptl_crystal.description           ? 
_exptl_crystal.F_000                 ? 
_exptl_crystal.preparation           ? 
# 
_exptl_crystal_grow.crystal_id      1 
_exptl_crystal_grow.method          'VAPOR DIFFUSION, HANGING DROP' 
_exptl_crystal_grow.temp            291 
_exptl_crystal_grow.temp_details    ? 
_exptl_crystal_grow.pH              6.0 
_exptl_crystal_grow.pdbx_details    
;40 mM Na Cacodylate, 12 mM Spermine Tetrahydrochloride, 80 mM SrCl2, 10% MPD , pH 6.0, VAPOR DIFFUSION, HANGING DROP, temperature 291K
;
_exptl_crystal_grow.pdbx_pH_range   ? 
# 
_diffrn.id                     1 
_diffrn.ambient_temp           100 
_diffrn.ambient_temp_details   ? 
_diffrn.crystal_id             1 
# 
_diffrn_detector.diffrn_id              1 
_diffrn_detector.detector               CCD 
_diffrn_detector.type                   'ADSC QUANTUM 315' 
_diffrn_detector.pdbx_collection_date   2013-12-05 
_diffrn_detector.details                ? 
# 
_diffrn_radiation.diffrn_id                        1 
_diffrn_radiation.wavelength_id                    1 
_diffrn_radiation.pdbx_monochromatic_or_laue_m_l   M 
_diffrn_radiation.monochromator                    'rotary beam shutters' 
_diffrn_radiation.pdbx_diffrn_protocol             'SINGLE WAVELENGTH' 
_diffrn_radiation.pdbx_scattering_type             x-ray 
# 
_diffrn_radiation_wavelength.id           1 
_diffrn_radiation_wavelength.wavelength   0.97920 
_diffrn_radiation_wavelength.wt           1.0 
# 
_diffrn_source.diffrn_id                   1 
_diffrn_source.source                      SYNCHROTRON 
_diffrn_source.type                        'APS BEAMLINE 24-ID-C' 
_diffrn_source.pdbx_synchrotron_site       APS 
_diffrn_source.pdbx_synchrotron_beamline   24-ID-C 
_diffrn_source.pdbx_wavelength             ? 
_diffrn_source.pdbx_wavelength_list        0.97920 
# 
_reflns.entry_id                     4PWM 
_reflns.observed_criterion_sigma_I   3 
_reflns.observed_criterion_sigma_F   ? 
_reflns.d_resolution_low             26 
_reflns.d_resolution_high            1.95 
_reflns.number_obs                   5113 
_reflns.number_all                   5242 
_reflns.percent_possible_obs         97.5 
_reflns.pdbx_Rmerge_I_obs            0.045 
_reflns.pdbx_Rsym_value              ? 
_reflns.pdbx_netI_over_sigmaI        16.26 
_reflns.B_iso_Wilson_estimate        ? 
_reflns.pdbx_redundancy              ? 
_reflns.R_free_details               ? 
_reflns.limit_h_max                  ? 
_reflns.limit_h_min                  ? 
_reflns.limit_k_max                  ? 
_reflns.limit_k_min                  ? 
_reflns.limit_l_max                  ? 
_reflns.limit_l_min                  ? 
_reflns.observed_criterion_F_max     ? 
_reflns.observed_criterion_F_min     ? 
_reflns.pdbx_chi_squared             ? 
_reflns.pdbx_scaling_rejects         ? 
_reflns.pdbx_ordinal                 1 
_reflns.pdbx_diffrn_id               1 
_reflns.pdbx_CC_half                 ? 
_reflns.pdbx_Rpim_I_all              ? 
_reflns.pdbx_Rrim_I_all              ? 
# 
_reflns_shell.d_res_high             1.95 
_reflns_shell.d_res_low              2.0 
_reflns_shell.percent_possible_all   99.5 
_reflns_shell.Rmerge_I_obs           0.62 
_reflns_shell.pdbx_Rsym_value        ? 
_reflns_shell.meanI_over_sigI_obs    2.80 
_reflns_shell.pdbx_redundancy        ? 
_reflns_shell.percent_possible_obs   ? 
_reflns_shell.number_unique_all      385 
_reflns_shell.number_measured_all    ? 
_reflns_shell.number_measured_obs    ? 
_reflns_shell.number_unique_obs      ? 
_reflns_shell.pdbx_chi_squared       ? 
_reflns_shell.pdbx_ordinal           1 
_reflns_shell.pdbx_diffrn_id         1 
_reflns_shell.pdbx_CC_half           ? 
_reflns_shell.pdbx_Rpim_I_all        ? 
_reflns_shell.pdbx_Rrim_I_all        ? 
# 
_refine.entry_id                                 4PWM 
_refine.ls_number_reflns_obs                     4704 
_refine.ls_number_reflns_all                     ? 
_refine.pdbx_ls_sigma_I                          ? 
_refine.pdbx_ls_sigma_F                          . 
_refine.pdbx_data_cutoff_high_absF               ? 
_refine.pdbx_data_cutoff_low_absF                ? 
_refine.pdbx_data_cutoff_high_rms_absF           ? 
_refine.ls_d_res_low                             25.89 
_refine.ls_d_res_high                            1.95 
_refine.ls_percent_reflns_obs                    97.54 
_refine.ls_R_factor_obs                          0.22492 
_refine.ls_R_factor_all                          ? 
_refine.ls_R_factor_R_work                       0.22129 
_refine.ls_R_factor_R_free                       0.26721 
_refine.ls_R_factor_R_free_error                 ? 
_refine.ls_R_factor_R_free_error_details         ? 
_refine.ls_percent_reflns_R_free                 8.0 
_refine.ls_number_reflns_R_free                  409 
_refine.ls_number_parameters                     ? 
_refine.ls_number_restraints                     ? 
_refine.occupancy_min                            ? 
_refine.occupancy_max                            ? 
_refine.correlation_coeff_Fo_to_Fc               0.967 
_refine.correlation_coeff_Fo_to_Fc_free          0.949 
_refine.B_iso_mean                               45.709 
_refine.aniso_B[1][1]                            ? 
_refine.aniso_B[2][2]                            ? 
_refine.aniso_B[3][3]                            ? 
_refine.aniso_B[1][2]                            ? 
_refine.aniso_B[1][3]                            ? 
_refine.aniso_B[2][3]                            ? 
_refine.solvent_model_details                    MASK 
_refine.solvent_model_param_ksol                 ? 
_refine.solvent_model_param_bsol                 ? 
_refine.pdbx_solvent_vdw_probe_radii             1.20 
_refine.pdbx_solvent_ion_probe_radii             0.80 
_refine.pdbx_solvent_shrinkage_radii             0.80 
_refine.pdbx_ls_cross_valid_method               THROUGHOUT 
_refine.details                                  ? 
_refine.pdbx_starting_model                      'PDB ID 436D' 
_refine.pdbx_method_to_determine_struct          'MOLECULAR REPLACEMENT' 
_refine.pdbx_isotropic_thermal_model             ? 
_refine.pdbx_stereochemistry_target_values       'MAXIMUM LIKELIHOOD' 
_refine.pdbx_stereochem_target_val_spec_case     ? 
_refine.pdbx_R_Free_selection_details            RANDOM 
_refine.pdbx_overall_ESU_R                       0.195 
_refine.pdbx_overall_ESU_R_Free                  0.178 
_refine.overall_SU_ML                            0.129 
_refine.pdbx_overall_phase_error                 ? 
_refine.overall_SU_B                             4.712 
_refine.overall_SU_R_Cruickshank_DPI             ? 
_refine.ls_redundancy_reflns_obs                 ? 
_refine.B_iso_min                                ? 
_refine.B_iso_max                                ? 
_refine.overall_SU_R_free                        ? 
_refine.ls_wR_factor_R_free                      ? 
_refine.ls_wR_factor_R_work                      ? 
_refine.overall_FOM_free_R_set                   ? 
_refine.overall_FOM_work_R_set                   ? 
_refine.pdbx_diffrn_id                           1 
_refine.pdbx_refine_id                           'X-RAY DIFFRACTION' 
_refine.pdbx_TLS_residual_ADP_flag               ? 
_refine.pdbx_overall_SU_R_free_Cruickshank_DPI   ? 
_refine.pdbx_overall_SU_R_Blow_DPI               ? 
_refine.pdbx_overall_SU_R_free_Blow_DPI          ? 
# 
_refine_hist.pdbx_refine_id                   'X-RAY DIFFRACTION' 
_refine_hist.cycle_id                         LAST 
_refine_hist.pdbx_number_atoms_protein        0 
_refine_hist.pdbx_number_atoms_nucleic_acid   492 
_refine_hist.pdbx_number_atoms_ligand         0 
_refine_hist.number_atoms_solvent             12 
_refine_hist.number_atoms_total               504 
_refine_hist.d_res_high                       1.95 
_refine_hist.d_res_low                        25.89 
# 
loop_
_refine_ls_restr.type 
_refine_ls_restr.dev_ideal 
_refine_ls_restr.dev_ideal_target 
_refine_ls_restr.weight 
_refine_ls_restr.number 
_refine_ls_restr.pdbx_restraint_function 
_refine_ls_restr.pdbx_refine_id 
r_bond_refined_d       0.009 0.012  ? 555 ? 'X-RAY DIFFRACTION' 
r_bond_other_d         0.002 0.020  ? 266 ? 'X-RAY DIFFRACTION' 
r_angle_refined_deg    2.209 1.307  ? 855 ? 'X-RAY DIFFRACTION' 
r_angle_other_deg      3.717 3.000  ? 632 ? 'X-RAY DIFFRACTION' 
r_chiral_restr         0.164 0.200  ? 72  ? 'X-RAY DIFFRACTION' 
r_gen_planes_refined   0.022 0.020  ? 290 ? 'X-RAY DIFFRACTION' 
r_gen_planes_other     0.003 0.020  ? 112 ? 'X-RAY DIFFRACTION' 
r_scbond_it            5.348 4.691  ? 555 ? 'X-RAY DIFFRACTION' 
r_scbond_other         5.346 4.692  ? 554 ? 'X-RAY DIFFRACTION' 
r_scangle_other        7.305 7.043  ? 856 ? 'X-RAY DIFFRACTION' 
r_long_range_B_refined 8.229 42.681 ? 777 ? 'X-RAY DIFFRACTION' 
r_long_range_B_other   8.218 42.680 ? 777 ? 'X-RAY DIFFRACTION' 
# 
_refine_ls_shell.pdbx_total_number_of_bins_used   20 
_refine_ls_shell.d_res_high                       1.950 
_refine_ls_shell.d_res_low                        2.000 
_refine_ls_shell.number_reflns_R_work             352 
_refine_ls_shell.R_factor_R_work                  0.331 
_refine_ls_shell.percent_reflns_obs               99.48 
_refine_ls_shell.R_factor_R_free                  0.261 
_refine_ls_shell.R_factor_R_free_error            ? 
_refine_ls_shell.percent_reflns_R_free            ? 
_refine_ls_shell.number_reflns_R_free             30 
_refine_ls_shell.number_reflns_all                ? 
_refine_ls_shell.R_factor_all                     ? 
_refine_ls_shell.number_reflns_obs                ? 
_refine_ls_shell.redundancy_reflns_obs            ? 
_refine_ls_shell.pdbx_refine_id                   'X-RAY DIFFRACTION' 
_refine_ls_shell.R_factor_obs                     ? 
# 
_struct.entry_id                  4PWM 
_struct.title                     'Crystal structure of Dickerson Drew Dodecamer with 5-carboxycytosine' 
_struct.pdbx_model_details        ? 
_struct.pdbx_CASP_flag            ? 
_struct.pdbx_model_type_details   ? 
# 
_struct_keywords.entry_id        4PWM 
_struct_keywords.pdbx_keywords   DNA 
_struct_keywords.text            'DNA crystal structure, Dickerson Drew Dodecamer, 5-carboxycytidine, 5-carboxycytosine, DNA' 
# 
loop_
_struct_asym.id 
_struct_asym.pdbx_blank_PDB_chainid_flag 
_struct_asym.pdbx_modified 
_struct_asym.entity_id 
_struct_asym.details 
A N N 1 ? 
B N N 1 ? 
C N N 2 ? 
D N N 2 ? 
# 
loop_
_struct_conn.id 
_struct_conn.conn_type_id 
_struct_conn.pdbx_leaving_atom_flag 
_struct_conn.pdbx_PDB_id 
_struct_conn.ptnr1_label_asym_id 
_struct_conn.ptnr1_label_comp_id 
_struct_conn.ptnr1_label_seq_id 
_struct_conn.ptnr1_label_atom_id 
_struct_conn.pdbx_ptnr1_label_alt_id 
_struct_conn.pdbx_ptnr1_PDB_ins_code 
_struct_conn.pdbx_ptnr1_standard_comp_id 
_struct_conn.ptnr1_symmetry 
_struct_conn.ptnr2_label_asym_id 
_struct_conn.ptnr2_label_comp_id 
_struct_conn.ptnr2_label_seq_id 
_struct_conn.ptnr2_label_atom_id 
_struct_conn.pdbx_ptnr2_label_alt_id 
_struct_conn.pdbx_ptnr2_PDB_ins_code 
_struct_conn.ptnr1_auth_asym_id 
_struct_conn.ptnr1_auth_comp_id 
_struct_conn.ptnr1_auth_seq_id 
_struct_conn.ptnr2_auth_asym_id 
_struct_conn.ptnr2_auth_comp_id 
_struct_conn.ptnr2_auth_seq_id 
_struct_conn.ptnr2_symmetry 
_struct_conn.pdbx_ptnr3_label_atom_id 
_struct_conn.pdbx_ptnr3_label_seq_id 
_struct_conn.pdbx_ptnr3_label_comp_id 
_struct_conn.pdbx_ptnr3_label_asym_id 
_struct_conn.pdbx_ptnr3_label_alt_id 
_struct_conn.pdbx_ptnr3_PDB_ins_code 
_struct_conn.details 
_struct_conn.pdbx_dist_value 
_struct_conn.pdbx_value_order 
_struct_conn.pdbx_role 
covale1  covale both ? A DT  8  "O3'" ? ? ? 1_555 A 1CC 9  P  ? ? A DT  8  A 1CC 9  1_555 ? ? ? ? ? ? ?            1.596 ? ? 
covale2  covale one  ? A 1CC 9  "O3'" ? ? ? 1_555 A DG  10 P  ? ? A 1CC 9  A DG  10 1_555 ? ? ? ? ? ? ?            1.606 ? ? 
covale3  covale both ? B DT  8  "O3'" ? ? ? 1_555 B 1CC 9  P  ? ? B DT  20 B 1CC 21 1_555 ? ? ? ? ? ? ?            1.586 ? ? 
covale4  covale one  ? B 1CC 9  "O3'" ? ? ? 1_555 B DG  10 P  ? ? B 1CC 21 B DG  22 1_555 ? ? ? ? ? ? ?            1.601 ? ? 
hydrog1  hydrog ?    ? A DC  1  N3    ? ? ? 1_555 B DG  12 N1 ? ? A DC  1  B DG  24 1_555 ? ? ? ? ? ? WATSON-CRICK ?     ? ? 
hydrog2  hydrog ?    ? A DC  1  N4    ? ? ? 1_555 B DG  12 O6 ? ? A DC  1  B DG  24 1_555 ? ? ? ? ? ? WATSON-CRICK ?     ? ? 
hydrog3  hydrog ?    ? A DC  1  O2    ? ? ? 1_555 B DG  12 N2 ? ? A DC  1  B DG  24 1_555 ? ? ? ? ? ? WATSON-CRICK ?     ? ? 
hydrog4  hydrog ?    ? A DG  2  N1    ? ? ? 1_555 B DC  11 N3 ? ? A DG  2  B DC  23 1_555 ? ? ? ? ? ? WATSON-CRICK ?     ? ? 
hydrog5  hydrog ?    ? A DG  2  N2    ? ? ? 1_555 B DC  11 O2 ? ? A DG  2  B DC  23 1_555 ? ? ? ? ? ? WATSON-CRICK ?     ? ? 
hydrog6  hydrog ?    ? A DG  2  O6    ? ? ? 1_555 B DC  11 N4 ? ? A DG  2  B DC  23 1_555 ? ? ? ? ? ? WATSON-CRICK ?     ? ? 
hydrog7  hydrog ?    ? A DC  3  N3    ? ? ? 1_555 B DG  10 N1 ? ? A DC  3  B DG  22 1_555 ? ? ? ? ? ? WATSON-CRICK ?     ? ? 
hydrog8  hydrog ?    ? A DC  3  N4    ? ? ? 1_555 B DG  10 O6 ? ? A DC  3  B DG  22 1_555 ? ? ? ? ? ? WATSON-CRICK ?     ? ? 
hydrog9  hydrog ?    ? A DC  3  O2    ? ? ? 1_555 B DG  10 N2 ? ? A DC  3  B DG  22 1_555 ? ? ? ? ? ? WATSON-CRICK ?     ? ? 
hydrog10 hydrog ?    ? A DA  5  N1    ? ? ? 1_555 B DT  8  N3 ? ? A DA  5  B DT  20 1_555 ? ? ? ? ? ? WATSON-CRICK ?     ? ? 
hydrog11 hydrog ?    ? A DA  5  N6    ? ? ? 1_555 B DT  8  O4 ? ? A DA  5  B DT  20 1_555 ? ? ? ? ? ? WATSON-CRICK ?     ? ? 
hydrog12 hydrog ?    ? A DA  6  N1    ? ? ? 1_555 B DT  7  N3 ? ? A DA  6  B DT  19 1_555 ? ? ? ? ? ? WATSON-CRICK ?     ? ? 
hydrog13 hydrog ?    ? A DA  6  N6    ? ? ? 1_555 B DT  7  O4 ? ? A DA  6  B DT  19 1_555 ? ? ? ? ? ? WATSON-CRICK ?     ? ? 
hydrog14 hydrog ?    ? A DT  7  N3    ? ? ? 1_555 B DA  6  N1 ? ? A DT  7  B DA  18 1_555 ? ? ? ? ? ? WATSON-CRICK ?     ? ? 
hydrog15 hydrog ?    ? A DT  7  O4    ? ? ? 1_555 B DA  6  N6 ? ? A DT  7  B DA  18 1_555 ? ? ? ? ? ? WATSON-CRICK ?     ? ? 
hydrog16 hydrog ?    ? A DT  8  N3    ? ? ? 1_555 B DA  5  N1 ? ? A DT  8  B DA  17 1_555 ? ? ? ? ? ? WATSON-CRICK ?     ? ? 
hydrog17 hydrog ?    ? A DT  8  O4    ? ? ? 1_555 B DA  5  N6 ? ? A DT  8  B DA  17 1_555 ? ? ? ? ? ? WATSON-CRICK ?     ? ? 
hydrog18 hydrog ?    ? A DG  10 N1    ? ? ? 1_555 B DC  3  N3 ? ? A DG  10 B DC  15 1_555 ? ? ? ? ? ? WATSON-CRICK ?     ? ? 
hydrog19 hydrog ?    ? A DG  10 N2    ? ? ? 1_555 B DC  3  O2 ? ? A DG  10 B DC  15 1_555 ? ? ? ? ? ? WATSON-CRICK ?     ? ? 
hydrog20 hydrog ?    ? A DG  10 O6    ? ? ? 1_555 B DC  3  N4 ? ? A DG  10 B DC  15 1_555 ? ? ? ? ? ? WATSON-CRICK ?     ? ? 
hydrog21 hydrog ?    ? A DC  11 N3    ? ? ? 1_555 B DG  2  N1 ? ? A DC  11 B DG  14 1_555 ? ? ? ? ? ? WATSON-CRICK ?     ? ? 
hydrog22 hydrog ?    ? A DC  11 N4    ? ? ? 1_555 B DG  2  O6 ? ? A DC  11 B DG  14 1_555 ? ? ? ? ? ? WATSON-CRICK ?     ? ? 
hydrog23 hydrog ?    ? A DC  11 O2    ? ? ? 1_555 B DG  2  N2 ? ? A DC  11 B DG  14 1_555 ? ? ? ? ? ? WATSON-CRICK ?     ? ? 
hydrog24 hydrog ?    ? A DG  12 N1    ? ? ? 1_555 B DC  1  N3 ? ? A DG  12 B DC  13 1_555 ? ? ? ? ? ? WATSON-CRICK ?     ? ? 
hydrog25 hydrog ?    ? A DG  12 N2    ? ? ? 1_555 B DC  1  O2 ? ? A DG  12 B DC  13 1_555 ? ? ? ? ? ? WATSON-CRICK ?     ? ? 
hydrog26 hydrog ?    ? A DG  12 O6    ? ? ? 1_555 B DC  1  N4 ? ? A DG  12 B DC  13 1_555 ? ? ? ? ? ? WATSON-CRICK ?     ? ? 
# 
loop_
_struct_conn_type.id 
_struct_conn_type.criteria 
_struct_conn_type.reference 
covale ? ? 
hydrog ? ? 
# 
_atom_sites.entry_id                    4PWM 
_atom_sites.fract_transf_matrix[1][1]   -0.03916847 
_atom_sites.fract_transf_matrix[1][2]   0.00728067 
_atom_sites.fract_transf_matrix[1][3]   -0.01064487 
_atom_sites.fract_transf_matrix[2][1]   0.00339297 
_atom_sites.fract_transf_matrix[2][2]   -0.01202823 
_atom_sites.fract_transf_matrix[2][3]   -0.02071148 
_atom_sites.fract_transf_matrix[3][1]   -0.00420909 
_atom_sites.fract_transf_matrix[3][2]   -0.01279115 
_atom_sites.fract_transf_matrix[3][3]   0.00673895 
_atom_sites.fract_transf_vector[1]      -0.103459 
_atom_sites.fract_transf_vector[2]      -0.013128 
_atom_sites.fract_transf_vector[3]      0.138544 
# 
loop_
_atom_type.symbol 
C 
N 
O 
P 
# 
loop_
_atom_site.group_PDB 
_atom_site.id 
_atom_site.type_symbol 
_atom_site.label_atom_id 
_atom_site.label_alt_id 
_atom_site.label_comp_id 
_atom_site.label_asym_id 
_atom_site.label_entity_id 
_atom_site.label_seq_id 
_atom_site.pdbx_PDB_ins_code 
_atom_site.Cartn_x 
_atom_site.Cartn_y 
_atom_site.Cartn_z 
_atom_site.occupancy 
_atom_site.B_iso_or_equiv 
_atom_site.pdbx_formal_charge 
_atom_site.auth_seq_id 
_atom_site.auth_comp_id 
_atom_site.auth_asym_id 
_atom_site.auth_atom_id 
_atom_site.pdbx_PDB_model_num 
ATOM   1   O "O5'" . DC  A 1 1  ? -1.853  -7.062  19.589  1.00 73.36 ? 1   DC  A "O5'" 1 
ATOM   2   C "C5'" . DC  A 1 1  ? -2.745  -7.004  18.467  1.00 62.09 ? 1   DC  A "C5'" 1 
ATOM   3   C "C4'" . DC  A 1 1  ? -2.051  -7.573  17.252  1.00 63.76 ? 1   DC  A "C4'" 1 
ATOM   4   O "O4'" . DC  A 1 1  ? -2.634  -8.760  16.638  1.00 53.30 ? 1   DC  A "O4'" 1 
ATOM   5   C "C3'" . DC  A 1 1  ? -1.485  -6.674  16.141  1.00 61.30 ? 1   DC  A "C3'" 1 
ATOM   6   O "O3'" . DC  A 1 1  ? -0.154  -7.044  15.754  1.00 65.33 ? 1   DC  A "O3'" 1 
ATOM   7   C "C2'" . DC  A 1 1  ? -2.294  -7.125  14.939  1.00 61.59 ? 1   DC  A "C2'" 1 
ATOM   8   C "C1'" . DC  A 1 1  ? -2.515  -8.629  15.226  1.00 53.10 ? 1   DC  A "C1'" 1 
ATOM   9   N N1    . DC  A 1 1  ? -3.729  -9.170  14.601  1.00 48.71 ? 1   DC  A N1    1 
ATOM   10  C C2    . DC  A 1 1  ? -3.640  -10.341 13.829  1.00 47.51 ? 1   DC  A C2    1 
ATOM   11  O O2    . DC  A 1 1  ? -2.563  -10.951 13.784  1.00 45.69 ? 1   DC  A O2    1 
ATOM   12  N N3    . DC  A 1 1  ? -4.744  -10.807 13.210  1.00 45.32 ? 1   DC  A N3    1 
ATOM   13  C C4    . DC  A 1 1  ? -5.889  -10.120 13.283  1.00 51.04 ? 1   DC  A C4    1 
ATOM   14  N N4    . DC  A 1 1  ? -6.942  -10.593 12.616  1.00 54.76 ? 1   DC  A N4    1 
ATOM   15  C C5    . DC  A 1 1  ? -6.006  -8.925  14.051  1.00 60.56 ? 1   DC  A C5    1 
ATOM   16  C C6    . DC  A 1 1  ? -4.908  -8.484  14.679  1.00 58.64 ? 1   DC  A C6    1 
ATOM   17  P P     A DG  A 1 2  ? 0.931   -6.030  15.082  0.60 49.70 ? 2   DG  A P     1 
ATOM   18  P P     B DG  A 1 2  ? 1.121   -7.082  16.769  0.40 59.25 ? 2   DG  A P     1 
ATOM   19  O OP1   A DG  A 1 2  ? 1.485   -5.174  16.141  0.60 50.59 ? 2   DG  A OP1   1 
ATOM   20  O OP1   B DG  A 1 2  ? 0.840   -8.083  17.824  0.40 58.44 ? 2   DG  A OP1   1 
ATOM   21  O OP2   A DG  A 1 2  ? 0.337   -5.373  13.888  0.60 48.06 ? 2   DG  A OP2   1 
ATOM   22  O OP2   B DG  A 1 2  ? 1.492   -5.695  17.134  0.40 61.54 ? 2   DG  A OP2   1 
ATOM   23  O "O5'" A DG  A 1 2  ? 2.049   -7.125  14.741  0.60 54.51 ? 2   DG  A "O5'" 1 
ATOM   24  O "O5'" B DG  A 1 2  ? 2.219   -7.653  15.773  0.40 58.67 ? 2   DG  A "O5'" 1 
ATOM   25  C "C5'" . DG  A 1 2  ? 1.659   -8.546  14.802  1.00 62.56 ? 2   DG  A "C5'" 1 
ATOM   26  C "C4'" . DG  A 1 2  ? 2.634   -9.446  14.097  1.00 55.32 ? 2   DG  A "C4'" 1 
ATOM   27  O "O4'" . DG  A 1 2  ? 1.747   -10.306 13.352  1.00 54.26 ? 2   DG  A "O4'" 1 
ATOM   28  C "C3'" . DG  A 1 2  ? 3.532   -8.775  13.052  1.00 51.37 ? 2   DG  A "C3'" 1 
ATOM   29  O "O3'" . DG  A 1 2  ? 4.634   -9.554  12.627  1.00 52.05 ? 2   DG  A "O3'" 1 
ATOM   30  C "C2'" . DG  A 1 2  ? 2.650   -8.699  11.831  1.00 42.77 ? 2   DG  A "C2'" 1 
ATOM   31  C "C1'" . DG  A 1 2  ? 1.685   -9.872  11.995  1.00 47.50 ? 2   DG  A "C1'" 1 
ATOM   32  N N9    . DG  A 1 2  ? 0.285   -9.561  11.674  1.00 36.58 ? 2   DG  A N9    1 
ATOM   33  C C8    . DG  A 1 2  ? -0.473  -8.493  12.107  1.00 43.75 ? 2   DG  A C8    1 
ATOM   34  N N7    . DG  A 1 2  ? -1.673  -8.471  11.590  1.00 36.88 ? 2   DG  A N7    1 
ATOM   35  C C5    . DG  A 1 2  ? -1.700  -9.583  10.758  1.00 40.20 ? 2   DG  A C5    1 
ATOM   36  C C6    . DG  A 1 2  ? -2.728  -10.080 9.950   1.00 31.98 ? 2   DG  A C6    1 
ATOM   37  O O6    . DG  A 1 2  ? -3.876  -9.644  9.825   1.00 35.68 ? 2   DG  A O6    1 
ATOM   38  N N1    . DG  A 1 2  ? -2.333  -11.226 9.257   1.00 32.46 ? 2   DG  A N1    1 
ATOM   39  C C2    . DG  A 1 2  ? -1.094  -11.818 9.350   1.00 34.57 ? 2   DG  A C2    1 
ATOM   40  N N2    . DG  A 1 2  ? -0.886  -12.902 8.590   1.00 35.05 ? 2   DG  A N2    1 
ATOM   41  N N3    . DG  A 1 2  ? -0.126  -11.369 10.122  1.00 32.55 ? 2   DG  A N3    1 
ATOM   42  C C4    . DG  A 1 2  ? -0.483  -10.237 10.767  1.00 32.32 ? 2   DG  A C4    1 
ATOM   43  P P     . DC  A 1 3  ? 5.740   -8.918  11.651  1.00 61.14 ? 3   DC  A P     1 
ATOM   44  O OP1   . DC  A 1 3  ? 7.041   -9.573  11.989  1.00 60.08 ? 3   DC  A OP1   1 
ATOM   45  O OP2   . DC  A 1 3  ? 5.536   -7.454  11.557  1.00 53.75 ? 3   DC  A OP2   1 
ATOM   46  O "O5'" . DC  A 1 3  ? 5.304   -9.368  10.197  1.00 47.64 ? 3   DC  A "O5'" 1 
ATOM   47  C "C5'" . DC  A 1 3  ? 5.405   -10.738 9.873   1.00 42.68 ? 3   DC  A "C5'" 1 
ATOM   48  C "C4'" . DC  A 1 3  ? 4.642   -10.934 8.598   1.00 40.14 ? 3   DC  A "C4'" 1 
ATOM   49  O "O4'" . DC  A 1 3  ? 3.299   -10.479 8.824   1.00 34.90 ? 3   DC  A "O4'" 1 
ATOM   50  C "C3'" . DC  A 1 3  ? 5.174   -10.049 7.482   1.00 38.58 ? 3   DC  A "C3'" 1 
ATOM   51  O "O3'" . DC  A 1 3  ? 6.090   -10.814 6.694   1.00 52.48 ? 3   DC  A "O3'" 1 
ATOM   52  C "C2'" . DC  A 1 3  ? 3.929   -9.619  6.717   1.00 43.61 ? 3   DC  A "C2'" 1 
ATOM   53  C "C1'" . DC  A 1 3  ? 2.757   -10.123 7.557   1.00 33.96 ? 3   DC  A "C1'" 1 
ATOM   54  N N1    . DC  A 1 3  ? 1.708   -9.136  7.809   1.00 36.21 ? 3   DC  A N1    1 
ATOM   55  C C2    . DC  A 1 3  ? 0.435   -9.351  7.286   1.00 36.23 ? 3   DC  A C2    1 
ATOM   56  O O2    . DC  A 1 3  ? 0.250   -10.319 6.532   1.00 33.44 ? 3   DC  A O2    1 
ATOM   57  N N3    . DC  A 1 3  ? -0.547  -8.474  7.568   1.00 31.81 ? 3   DC  A N3    1 
ATOM   58  C C4    . DC  A 1 3  ? -0.309  -7.441  8.371   1.00 37.92 ? 3   DC  A C4    1 
ATOM   59  N N4    . DC  A 1 3  ? -1.311  -6.598  8.613   1.00 39.08 ? 3   DC  A N4    1 
ATOM   60  C C5    . DC  A 1 3  ? 0.976   -7.208  8.939   1.00 42.17 ? 3   DC  A C5    1 
ATOM   61  C C6    . DC  A 1 3  ? 1.945   -8.073  8.635   1.00 39.52 ? 3   DC  A C6    1 
ATOM   62  P P     . DG  A 1 4  ? 6.980   -10.055 5.580   1.00 57.75 ? 4   DG  A P     1 
ATOM   63  O OP1   . DG  A 1 4  ? 8.223   -10.836 5.412   1.00 61.40 ? 4   DG  A OP1   1 
ATOM   64  O OP2   . DG  A 1 4  ? 7.032   -8.621  5.942   1.00 52.40 ? 4   DG  A OP2   1 
ATOM   65  O "O5'" . DG  A 1 4  ? 6.115   -10.270 4.265   1.00 53.26 ? 4   DG  A "O5'" 1 
ATOM   66  C "C5'" . DG  A 1 4  ? 5.790   -11.627 3.899   1.00 52.38 ? 4   DG  A "C5'" 1 
ATOM   67  C "C4'" . DG  A 1 4  ? 4.830   -11.655 2.734   1.00 56.18 ? 4   DG  A "C4'" 1 
ATOM   68  O "O4'" . DG  A 1 4  ? 3.585   -10.996 3.084   1.00 46.49 ? 4   DG  A "O4'" 1 
ATOM   69  C "C3'" . DG  A 1 4  ? 5.347   -10.935 1.492   1.00 51.80 ? 4   DG  A "C3'" 1 
ATOM   70  O "O3'" . DG  A 1 4  ? 4.897   -11.637 0.333   1.00 62.96 ? 4   DG  A "O3'" 1 
ATOM   71  C "C2'" . DG  A 1 4  ? 4.743   -9.551  1.610   1.00 52.63 ? 4   DG  A "C2'" 1 
ATOM   72  C "C1'" . DG  A 1 4  ? 3.404   -9.841  2.282   1.00 46.75 ? 4   DG  A "C1'" 1 
ATOM   73  N N9    . DG  A 1 4  ? 2.900   -8.793  3.147   1.00 44.50 ? 4   DG  A N9    1 
ATOM   74  C C8    . DG  A 1 4  ? 3.613   -7.956  3.971   1.00 47.00 ? 4   DG  A C8    1 
ATOM   75  N N7    . DG  A 1 4  ? 2.853   -7.131  4.643   1.00 39.85 ? 4   DG  A N7    1 
ATOM   76  C C5    . DG  A 1 4  ? 1.563   -7.452  4.246   1.00 35.39 ? 4   DG  A C5    1 
ATOM   77  C C6    . DG  A 1 4  ? 0.328   -6.856  4.590   1.00 37.56 ? 4   DG  A C6    1 
ATOM   78  O O6    . DG  A 1 4  ? 0.106   -5.961  5.410   1.00 37.54 ? 4   DG  A O6    1 
ATOM   79  N N1    . DG  A 1 4  ? -0.726  -7.430  3.895   1.00 33.84 ? 4   DG  A N1    1 
ATOM   80  C C2    . DG  A 1 4  ? -0.611  -8.440  2.980   1.00 36.18 ? 4   DG  A C2    1 
ATOM   81  N N2    . DG  A 1 4  ? -1.751  -8.863  2.436   1.00 35.32 ? 4   DG  A N2    1 
ATOM   82  N N3    . DG  A 1 4  ? 0.535   -9.016  2.652   1.00 40.90 ? 4   DG  A N3    1 
ATOM   83  C C4    . DG  A 1 4  ? 1.577   -8.455  3.300   1.00 43.27 ? 4   DG  A C4    1 
ATOM   84  P P     . DA  A 1 5  ? 5.299   -11.106 -1.128  1.00 73.45 ? 5   DA  A P     1 
ATOM   85  O OP1   . DA  A 1 5  ? 5.413   -12.300 -2.021  1.00 78.48 ? 5   DA  A OP1   1 
ATOM   86  O OP2   . DA  A 1 5  ? 6.415   -10.112 -0.974  1.00 64.08 ? 5   DA  A OP2   1 
ATOM   87  O "O5'" . DA  A 1 5  ? 3.990   -10.353 -1.625  1.00 57.34 ? 5   DA  A "O5'" 1 
ATOM   88  C "C5'" . DA  A 1 5  ? 2.783   -11.125 -1.673  1.00 60.56 ? 5   DA  A "C5'" 1 
ATOM   89  C "C4'" . DA  A 1 5  ? 1.626   -10.221 -2.012  1.00 61.87 ? 5   DA  A "C4'" 1 
ATOM   90  O "O4'" . DA  A 1 5  ? 1.336   -9.313  -0.926  1.00 53.78 ? 5   DA  A "O4'" 1 
ATOM   91  C "C3'" . DA  A 1 5  ? 1.856   -9.348  -3.244  1.00 60.08 ? 5   DA  A "C3'" 1 
ATOM   92  O "O3'" . DA  A 1 5  ? 0.619   -9.509  -3.927  1.00 62.97 ? 5   DA  A "O3'" 1 
ATOM   93  C "C2'" . DA  A 1 5  ? 2.058   -7.961  -2.665  1.00 55.49 ? 5   DA  A "C2'" 1 
ATOM   94  C "C1'" . DA  A 1 5  ? 1.148   -8.015  -1.446  1.00 50.61 ? 5   DA  A "C1'" 1 
ATOM   95  N N9    . DA  A 1 5  ? 1.447   -7.048  -0.387  1.00 39.67 ? 5   DA  A N9    1 
ATOM   96  C C8    . DA  A 1 5  ? 2.681   -6.712  0.121   1.00 43.13 ? 5   DA  A C8    1 
ATOM   97  N N7    . DA  A 1 5  ? 2.632   -5.806  1.074   1.00 36.91 ? 5   DA  A N7    1 
ATOM   98  C C5    . DA  A 1 5  ? 1.273   -5.558  1.228   1.00 33.44 ? 5   DA  A C5    1 
ATOM   99  C C6    . DA  A 1 5  ? 0.565   -4.685  2.071   1.00 33.95 ? 5   DA  A C6    1 
ATOM   100 N N6    . DA  A 1 5  ? 1.154   -3.895  2.969   1.00 31.51 ? 5   DA  A N6    1 
ATOM   101 N N1    . DA  A 1 5  ? -0.776  -4.624  1.932   1.00 32.37 ? 5   DA  A N1    1 
ATOM   102 C C2    . DA  A 1 5  ? -1.367  -5.435  1.042   1.00 35.80 ? 5   DA  A C2    1 
ATOM   103 N N3    . DA  A 1 5  ? -0.807  -6.309  0.197   1.00 34.17 ? 5   DA  A N3    1 
ATOM   104 C C4    . DA  A 1 5  ? 0.532   -6.305  0.328   1.00 35.52 ? 5   DA  A C4    1 
ATOM   105 P P     . DA  A 1 6  ? 0.443   -9.002  -5.398  1.00 65.36 ? 6   DA  A P     1 
ATOM   106 O OP1   . DA  A 1 6  ? 0.067   -10.186 -6.214  1.00 65.12 ? 6   DA  A OP1   1 
ATOM   107 O OP2   . DA  A 1 6  ? 1.607   -8.132  -5.738  1.00 55.72 ? 6   DA  A OP2   1 
ATOM   108 O "O5'" . DA  A 1 6  ? -0.865  -8.089  -5.310  1.00 54.98 ? 6   DA  A "O5'" 1 
ATOM   109 C "C5'" . DA  A 1 6  ? -1.988  -8.496  -4.528  1.00 50.01 ? 6   DA  A "C5'" 1 
ATOM   110 C "C4'" . DA  A 1 6  ? -2.886  -7.302  -4.311  1.00 49.55 ? 6   DA  A "C4'" 1 
ATOM   111 O "O4'" . DA  A 1 6  ? -2.368  -6.461  -3.248  1.00 46.07 ? 6   DA  A "O4'" 1 
ATOM   112 C "C3'" . DA  A 1 6  ? -3.007  -6.408  -5.545  1.00 46.82 ? 6   DA  A "C3'" 1 
ATOM   113 O "O3'" . DA  A 1 6  ? -4.422  -6.233  -5.649  1.00 53.59 ? 6   DA  A "O3'" 1 
ATOM   114 C "C2'" . DA  A 1 6  ? -2.145  -5.196  -5.204  1.00 44.53 ? 6   DA  A "C2'" 1 
ATOM   115 C "C1'" . DA  A 1 6  ? -2.246  -5.116  -3.676  1.00 41.49 ? 6   DA  A "C1'" 1 
ATOM   116 N N9    . DA  A 1 6  ? -1.087  -4.532  -2.984  1.00 35.31 ? 6   DA  A N9    1 
ATOM   117 C C8    . DA  A 1 6  ? 0.239   -4.851  -3.166  1.00 36.22 ? 6   DA  A C8    1 
ATOM   118 N N7    . DA  A 1 6  ? 1.054   -4.204  -2.364  1.00 35.23 ? 6   DA  A N7    1 
ATOM   119 C C5    . DA  A 1 6  ? 0.207   -3.434  -1.576  1.00 29.46 ? 6   DA  A C5    1 
ATOM   120 C C6    . DA  A 1 6  ? 0.450   -2.509  -0.549  1.00 30.29 ? 6   DA  A C6    1 
ATOM   121 N N6    . DA  A 1 6  ? 1.662   -2.216  -0.087  1.00 31.37 ? 6   DA  A N6    1 
ATOM   122 N N1    . DA  A 1 6  ? -0.613  -1.902  0.016   1.00 31.68 ? 6   DA  A N1    1 
ATOM   123 C C2    . DA  A 1 6  ? -1.837  -2.215  -0.420  1.00 36.35 ? 6   DA  A C2    1 
ATOM   124 N N3    . DA  A 1 6  ? -2.195  -3.065  -1.379  1.00 36.17 ? 6   DA  A N3    1 
ATOM   125 C C4    . DA  A 1 6  ? -1.116  -3.641  -1.933  1.00 34.49 ? 6   DA  A C4    1 
ATOM   126 P P     . DT  A 1 7  ? -5.104  -5.329  -6.803  1.00 58.14 ? 7   DT  A P     1 
ATOM   127 O OP1   . DT  A 1 7  ? -6.483  -5.850  -7.010  1.00 53.73 ? 7   DT  A OP1   1 
ATOM   128 O OP2   . DT  A 1 7  ? -4.129  -5.163  -7.945  1.00 43.35 ? 7   DT  A OP2   1 
ATOM   129 O "O5'" . DT  A 1 7  ? -5.273  -3.886  -6.113  1.00 50.01 ? 7   DT  A "O5'" 1 
ATOM   130 C "C5'" . DT  A 1 7  ? -6.031  -3.691  -4.886  1.00 48.02 ? 7   DT  A "C5'" 1 
ATOM   131 C "C4'" . DT  A 1 7  ? -5.790  -2.292  -4.362  1.00 43.46 ? 7   DT  A "C4'" 1 
ATOM   132 O "O4'" . DT  A 1 7  ? -4.433  -2.134  -3.889  1.00 43.92 ? 7   DT  A "O4'" 1 
ATOM   133 C "C3'" . DT  A 1 7  ? -5.983  -1.209  -5.425  1.00 48.85 ? 7   DT  A "C3'" 1 
ATOM   134 O "O3'" . DT  A 1 7  ? -7.084  -0.447  -4.953  1.00 63.44 ? 7   DT  A "O3'" 1 
ATOM   135 C "C2'" . DT  A 1 7  ? -4.665  -0.441  -5.482  1.00 42.75 ? 7   DT  A "C2'" 1 
ATOM   136 C "C1'" . DT  A 1 7  ? -4.032  -0.786  -4.144  1.00 39.37 ? 7   DT  A "C1'" 1 
ATOM   137 N N1    . DT  A 1 7  ? -2.568  -0.735  -4.051  1.00 36.71 ? 7   DT  A N1    1 
ATOM   138 C C2    . DT  A 1 7  ? -2.016  0.036   -3.058  1.00 34.29 ? 7   DT  A C2    1 
ATOM   139 O O2    . DT  A 1 7  ? -2.686  0.684   -2.270  1.00 34.03 ? 7   DT  A O2    1 
ATOM   140 N N3    . DT  A 1 7  ? -0.655  -0.056  -2.957  1.00 31.96 ? 7   DT  A N3    1 
ATOM   141 C C4    . DT  A 1 7  ? 0.199   -0.748  -3.787  1.00 36.66 ? 7   DT  A C4    1 
ATOM   142 O O4    . DT  A 1 7  ? 1.400   -0.743  -3.555  1.00 36.53 ? 7   DT  A O4    1 
ATOM   143 C C5    . DT  A 1 7  ? -0.447  -1.512  -4.836  1.00 38.65 ? 7   DT  A C5    1 
ATOM   144 C C7    . DT  A 1 7  ? 0.392   -2.315  -5.781  1.00 40.91 ? 7   DT  A C7    1 
ATOM   145 C C6    . DT  A 1 7  ? -1.780  -1.478  -4.904  1.00 40.24 ? 7   DT  A C6    1 
ATOM   146 P P     . DT  A 1 8  ? -7.675  0.701   -5.837  1.00 67.95 ? 8   DT  A P     1 
ATOM   147 O OP1   . DT  A 1 8  ? -9.157  0.537   -5.814  1.00 74.13 ? 8   DT  A OP1   1 
ATOM   148 O OP2   . DT  A 1 8  ? -6.924  0.752   -7.126  1.00 73.03 ? 8   DT  A OP2   1 
ATOM   149 O "O5'" . DT  A 1 8  ? -7.216  1.994   -5.040  1.00 62.03 ? 8   DT  A "O5'" 1 
ATOM   150 C "C5'" . DT  A 1 8  ? -7.416  2.074   -3.619  1.00 56.42 ? 8   DT  A "C5'" 1 
ATOM   151 C "C4'" . DT  A 1 8  ? -6.552  3.193   -3.088  1.00 57.99 ? 8   DT  A "C4'" 1 
ATOM   152 O "O4'" . DT  A 1 8  ? -5.153  2.857   -3.198  1.00 46.28 ? 8   DT  A "O4'" 1 
ATOM   153 C "C3'" . DT  A 1 8  ? -6.720  4.527   -3.816  1.00 52.21 ? 8   DT  A "C3'" 1 
ATOM   154 O "O3'" . DT  A 1 8  ? -7.126  5.427   -2.785  1.00 60.60 ? 8   DT  A "O3'" 1 
ATOM   155 C "C2'" . DT  A 1 8  ? -5.341  4.832   -4.398  1.00 46.93 ? 8   DT  A "C2'" 1 
ATOM   156 C "C1'" . DT  A 1 8  ? -4.414  4.052   -3.498  1.00 45.70 ? 8   DT  A "C1'" 1 
ATOM   157 N N1    . DT  A 1 8  ? -3.109  3.627   -4.077  1.00 41.19 ? 8   DT  A N1    1 
ATOM   158 C C2    . DT  A 1 8  ? -1.919  3.917   -3.438  1.00 35.72 ? 8   DT  A C2    1 
ATOM   159 O O2    . DT  A 1 8  ? -1.839  4.635   -2.451  1.00 34.97 ? 8   DT  A O2    1 
ATOM   160 N N3    . DT  A 1 8  ? -0.805  3.388   -4.045  1.00 34.39 ? 8   DT  A N3    1 
ATOM   161 C C4    . DT  A 1 8  ? -0.771  2.601   -5.186  1.00 38.03 ? 8   DT  A C4    1 
ATOM   162 O O4    . DT  A 1 8  ? 0.298   2.179   -5.601  1.00 35.24 ? 8   DT  A O4    1 
ATOM   163 C C5    . DT  A 1 8  ? -2.049  2.334   -5.791  1.00 37.20 ? 8   DT  A C5    1 
ATOM   164 C C7    . DT  A 1 8  ? -2.104  1.508   -7.038  1.00 41.50 ? 8   DT  A C7    1 
ATOM   165 C C6    . DT  A 1 8  ? -3.139  2.852   -5.215  1.00 37.35 ? 8   DT  A C6    1 
HETATM 166 P P     . 1CC A 1 9  ? -7.387  6.969   -3.105  1.00 62.68 ? 9   1CC A P     1 
HETATM 167 O OP1   . 1CC A 1 9  ? -8.382  7.437   -2.101  1.00 62.34 ? 9   1CC A OP1   1 
HETATM 168 O OP2   . 1CC A 1 9  ? -7.538  7.128   -4.607  1.00 60.71 ? 9   1CC A OP2   1 
HETATM 169 O "O5'" . 1CC A 1 9  ? -5.977  7.642   -2.686  1.00 57.19 ? 9   1CC A "O5'" 1 
HETATM 170 C "C5'" . 1CC A 1 9  ? -5.351  7.280   -1.447  1.00 57.58 ? 9   1CC A "C5'" 1 
HETATM 171 C "C4'" . 1CC A 1 9  ? -4.045  8.045   -1.230  1.00 57.68 ? 9   1CC A "C4'" 1 
HETATM 172 C "C3'" . 1CC A 1 9  ? -4.247  9.480   -1.663  1.00 53.39 ? 9   1CC A "C3'" 1 
HETATM 173 C "C2'" . 1CC A 1 9  ? -3.345  9.685   -2.881  1.00 48.49 ? 9   1CC A "C2'" 1 
HETATM 174 C "C1'" . 1CC A 1 9  ? -2.295  8.607   -2.715  1.00 41.48 ? 9   1CC A "C1'" 1 
HETATM 175 O "O4'" . 1CC A 1 9  ? -2.984  7.547   -2.067  1.00 45.28 ? 9   1CC A "O4'" 1 
HETATM 176 N N1    . 1CC A 1 9  ? -1.771  7.892   -3.892  1.00 45.45 ? 9   1CC A N1    1 
HETATM 177 C C6    . 1CC A 1 9  ? -2.561  7.369   -4.849  1.00 40.05 ? 9   1CC A C6    1 
HETATM 178 C C5    . 1CC A 1 9  ? -1.976  6.582   -5.856  1.00 43.46 ? 9   1CC A C5    1 
HETATM 179 C C4    . 1CC A 1 9  ? -0.548  6.291   -5.871  1.00 37.98 ? 9   1CC A C4    1 
HETATM 180 N N4    . 1CC A 1 9  ? 0.058   5.528   -6.819  1.00 38.12 ? 9   1CC A N4    1 
HETATM 181 N N3    . 1CC A 1 9  ? 0.189   6.824   -4.887  1.00 37.14 ? 9   1CC A N3    1 
HETATM 182 C C2    . 1CC A 1 9  ? -0.401  7.544   -3.909  1.00 38.84 ? 9   1CC A C2    1 
HETATM 183 O O2    . 1CC A 1 9  ? 0.324   8.007   -3.026  1.00 40.39 ? 9   1CC A O2    1 
HETATM 184 C C21   . 1CC A 1 9  ? -2.827  6.101   -6.957  1.00 52.02 ? 9   1CC A C21   1 
HETATM 185 O O22   . 1CC A 1 9  ? -3.938  6.649   -6.980  1.00 54.21 ? 9   1CC A O22   1 
HETATM 186 O O23   . 1CC A 1 9  ? -2.420  5.271   -7.800  1.00 46.46 ? 9   1CC A O23   1 
HETATM 187 O "O3'" . 1CC A 1 9  ? -3.892  10.311  -0.567  1.00 62.46 ? 9   1CC A "O3'" 1 
ATOM   188 P P     . DG  A 1 10 ? -4.109  11.899  -0.676  1.00 69.97 ? 10  DG  A P     1 
ATOM   189 O OP1   . DG  A 1 10 ? -4.297  12.441  0.700   1.00 75.89 ? 10  DG  A OP1   1 
ATOM   190 O OP2   . DG  A 1 10 ? -5.067  12.200  -1.783  1.00 61.30 ? 10  DG  A OP2   1 
ATOM   191 O "O5'" . DG  A 1 10 ? -2.715  12.437  -1.240  1.00 63.96 ? 10  DG  A "O5'" 1 
ATOM   192 C "C5'" . DG  A 1 10 ? -1.465  12.197  -0.569  1.00 65.19 ? 10  DG  A "C5'" 1 
ATOM   193 C "C4'" . DG  A 1 10 ? -0.345  12.672  -1.463  1.00 59.41 ? 10  DG  A "C4'" 1 
ATOM   194 O "O4'" . DG  A 1 10 ? -0.214  11.739  -2.556  1.00 50.21 ? 10  DG  A "O4'" 1 
ATOM   195 C "C3'" . DG  A 1 10 ? -0.571  14.035  -2.130  1.00 55.44 ? 10  DG  A "C3'" 1 
ATOM   196 O "O3'" . DG  A 1 10 ? 0.708   14.634  -2.240  1.00 64.52 ? 10  DG  A "O3'" 1 
ATOM   197 C "C2'" . DG  A 1 10 ? -1.005  13.680  -3.544  1.00 53.34 ? 10  DG  A "C2'" 1 
ATOM   198 C "C1'" . DG  A 1 10 ? -0.112  12.476  -3.752  1.00 46.38 ? 10  DG  A "C1'" 1 
ATOM   199 N N9    . DG  A 1 10 ? -0.391  11.570  -4.861  1.00 43.07 ? 10  DG  A N9    1 
ATOM   200 C C8    . DG  A 1 10 ? -1.586  11.303  -5.477  1.00 42.06 ? 10  DG  A C8    1 
ATOM   201 N N7    . DG  A 1 10 ? -1.484  10.400  -6.417  1.00 41.95 ? 10  DG  A N7    1 
ATOM   202 C C5    . DG  A 1 10 ? -0.134  10.072  -6.429  1.00 39.24 ? 10  DG  A C5    1 
ATOM   203 C C6    . DG  A 1 10 ? 0.576   9.148   -7.234  1.00 40.73 ? 10  DG  A C6    1 
ATOM   204 O O6    . DG  A 1 10 ? 0.135   8.429   -8.132  1.00 38.33 ? 10  DG  A O6    1 
ATOM   205 N N1    . DG  A 1 10 ? 1.938   9.128   -6.923  1.00 33.88 ? 10  DG  A N1    1 
ATOM   206 C C2    . DG  A 1 10 ? 2.524   9.880   -5.930  1.00 34.68 ? 10  DG  A C2    1 
ATOM   207 N N2    . DG  A 1 10 ? 3.847   9.741   -5.767  1.00 29.21 ? 10  DG  A N2    1 
ATOM   208 N N3    . DG  A 1 10 ? 1.854   10.706  -5.138  1.00 34.13 ? 10  DG  A N3    1 
ATOM   209 C C4    . DG  A 1 10 ? 0.543   10.752  -5.446  1.00 35.88 ? 10  DG  A C4    1 
ATOM   210 P P     . DC  A 1 11 ? 1.080   15.866  -1.337  1.00 67.48 ? 11  DC  A P     1 
ATOM   211 O OP1   . DC  A 1 11 ? 0.513   15.619  0.022   1.00 77.79 ? 11  DC  A OP1   1 
ATOM   212 O OP2   . DC  A 1 11 ? 0.701   17.086  -2.120  1.00 69.13 ? 11  DC  A OP2   1 
ATOM   213 O "O5'" . DC  A 1 11 ? 2.661   15.735  -1.173  1.00 66.75 ? 11  DC  A "O5'" 1 
ATOM   214 C "C5'" . DC  A 1 11 ? 3.321   14.477  -0.873  1.00 60.75 ? 11  DC  A "C5'" 1 
ATOM   215 C "C4'" . DC  A 1 11 ? 4.606   14.371  -1.668  1.00 60.57 ? 11  DC  A "C4'" 1 
ATOM   216 O "O4'" . DC  A 1 11 ? 4.367   13.736  -2.955  1.00 46.22 ? 11  DC  A "O4'" 1 
ATOM   217 C "C3'" . DC  A 1 11 ? 5.289   15.705  -1.989  1.00 52.98 ? 11  DC  A "C3'" 1 
ATOM   218 O "O3'" . DC  A 1 11 ? 6.671   15.404  -1.770  1.00 51.48 ? 11  DC  A "O3'" 1 
ATOM   219 C "C2'" . DC  A 1 11 ? 4.852   15.987  -3.428  1.00 47.97 ? 11  DC  A "C2'" 1 
ATOM   220 C "C1'" . DC  A 1 11 ? 4.759   14.586  -4.032  1.00 44.23 ? 11  DC  A "C1'" 1 
ATOM   221 N N1    . DC  A 1 11 ? 3.800   14.339  -5.130  1.00 40.13 ? 11  DC  A N1    1 
ATOM   222 C C2    . DC  A 1 11 ? 4.131   13.403  -6.129  1.00 40.39 ? 11  DC  A C2    1 
ATOM   223 O O2    . DC  A 1 11 ? 5.274   12.887  -6.130  1.00 39.89 ? 11  DC  A O2    1 
ATOM   224 N N3    . DC  A 1 11 ? 3.201   13.078  -7.058  1.00 33.83 ? 11  DC  A N3    1 
ATOM   225 C C4    . DC  A 1 11 ? 1.966   13.598  -6.978  1.00 39.18 ? 11  DC  A C4    1 
ATOM   226 N N4    . DC  A 1 11 ? 1.075   13.246  -7.903  1.00 36.48 ? 11  DC  A N4    1 
ATOM   227 C C5    . DC  A 1 11 ? 1.606   14.535  -5.969  1.00 40.04 ? 11  DC  A C5    1 
ATOM   228 C C6    . DC  A 1 11 ? 2.531   14.842  -5.051  1.00 43.73 ? 11  DC  A C6    1 
ATOM   229 P P     . DG  A 1 12 ? 7.807   16.542  -1.742  1.00 59.59 ? 12  DG  A P     1 
ATOM   230 O OP1   . DG  A 1 12 ? 9.015   15.944  -1.067  1.00 55.36 ? 12  DG  A OP1   1 
ATOM   231 O OP2   . DG  A 1 12 ? 7.184   17.848  -1.312  1.00 53.88 ? 12  DG  A OP2   1 
ATOM   232 O "O5'" . DG  A 1 12 ? 8.164   16.762  -3.280  1.00 62.07 ? 12  DG  A "O5'" 1 
ATOM   233 C "C5'" . DG  A 1 12 ? 9.060   15.875  -3.979  1.00 54.25 ? 12  DG  A "C5'" 1 
ATOM   234 C "C4'" . DG  A 1 12 ? 9.029   16.213  -5.449  1.00 52.34 ? 12  DG  A "C4'" 1 
ATOM   235 O "O4'" . DG  A 1 12 ? 7.723   15.910  -5.963  1.00 46.34 ? 12  DG  A "O4'" 1 
ATOM   236 C "C3'" . DG  A 1 12 ? 9.246   17.686  -5.782  1.00 47.72 ? 12  DG  A "C3'" 1 
ATOM   237 O "O3'" . DG  A 1 12 ? 10.618  17.832  -6.129  1.00 49.53 ? 12  DG  A "O3'" 1 
ATOM   238 C "C2'" . DG  A 1 12 ? 8.319   17.940  -6.966  1.00 49.88 ? 12  DG  A "C2'" 1 
ATOM   239 C "C1'" . DG  A 1 12 ? 7.608   16.606  -7.190  1.00 46.38 ? 12  DG  A "C1'" 1 
ATOM   240 N N9    . DG  A 1 12 ? 6.188   16.694  -7.500  1.00 43.47 ? 12  DG  A N9    1 
ATOM   241 C C8    . DG  A 1 12 ? 5.260   17.479  -6.846  1.00 45.61 ? 12  DG  A C8    1 
ATOM   242 N N7    . DG  A 1 12 ? 4.045   17.316  -7.297  1.00 38.98 ? 12  DG  A N7    1 
ATOM   243 C C5    . DG  A 1 12 ? 4.178   16.382  -8.314  1.00 40.22 ? 12  DG  A C5    1 
ATOM   244 C C6    . DG  A 1 12 ? 3.198   15.803  -9.147  1.00 40.62 ? 12  DG  A C6    1 
ATOM   245 O O6    . DG  A 1 12 ? 1.990   16.041  -9.187  1.00 38.59 ? 12  DG  A O6    1 
ATOM   246 N N1    . DG  A 1 12 ? 3.743   14.841  -9.989  1.00 35.53 ? 12  DG  A N1    1 
ATOM   247 C C2    . DG  A 1 12 ? 5.077   14.504  -10.048 1.00 36.77 ? 12  DG  A C2    1 
ATOM   248 N N2    . DG  A 1 12 ? 5.408   13.598  -10.972 1.00 30.64 ? 12  DG  A N2    1 
ATOM   249 N N3    . DG  A 1 12 ? 6.008   15.031  -9.268  1.00 32.26 ? 12  DG  A N3    1 
ATOM   250 C C4    . DG  A 1 12 ? 5.489   15.956  -8.425  1.00 37.26 ? 12  DG  A C4    1 
ATOM   251 O "O5'" . DC  B 1 1  ? 0.454   12.550  -18.418 1.00 76.36 ? 13  DC  B "O5'" 1 
ATOM   252 C "C5'" . DC  B 1 1  ? 1.085   11.257  -18.345 1.00 73.06 ? 13  DC  B "C5'" 1 
ATOM   253 C "C4'" . DC  B 1 1  ? 1.844   11.111  -17.043 1.00 66.23 ? 13  DC  B "C4'" 1 
ATOM   254 O "O4'" . DC  B 1 1  ? 1.899   12.226  -16.108 1.00 60.23 ? 13  DC  B "O4'" 1 
ATOM   255 C "C3'" . DC  B 1 1  ? 1.768   9.823   -16.223 1.00 56.80 ? 13  DC  B "C3'" 1 
ATOM   256 O "O3'" . DC  B 1 1  ? 3.089   9.331   -16.026 1.00 72.67 ? 13  DC  B "O3'" 1 
ATOM   257 C "C2'" . DC  B 1 1  ? 1.288   10.316  -14.874 1.00 61.22 ? 13  DC  B "C2'" 1 
ATOM   258 C "C1'" . DC  B 1 1  ? 2.024   11.657  -14.804 1.00 55.30 ? 13  DC  B "C1'" 1 
ATOM   259 N N1    . DC  B 1 1  ? 1.484   12.598  -13.807 1.00 50.03 ? 13  DC  B N1    1 
ATOM   260 C C2    . DC  B 1 1  ? 2.330   13.055  -12.781 1.00 39.47 ? 13  DC  B C2    1 
ATOM   261 O O2    . DC  B 1 1  ? 3.527   12.723  -12.792 1.00 42.49 ? 13  DC  B O2    1 
ATOM   262 N N3    . DC  B 1 1  ? 1.825   13.855  -11.819 1.00 43.23 ? 13  DC  B N3    1 
ATOM   263 C C4    . DC  B 1 1  ? 0.529   14.170  -11.826 1.00 46.93 ? 13  DC  B C4    1 
ATOM   264 N N4    . DC  B 1 1  ? 0.084   14.969  -10.865 1.00 48.27 ? 13  DC  B N4    1 
ATOM   265 C C5    . DC  B 1 1  ? -0.362  13.689  -12.832 1.00 52.21 ? 13  DC  B C5    1 
ATOM   266 C C6    . DC  B 1 1  ? 0.150   12.902  -13.786 1.00 53.03 ? 13  DC  B C6    1 
ATOM   267 P P     . DG  B 1 2  ? 3.538   7.935   -16.672 1.00 74.71 ? 14  DG  B P     1 
ATOM   268 O OP1   . DG  B 1 2  ? 3.867   8.204   -18.098 1.00 65.40 ? 14  DG  B OP1   1 
ATOM   269 O OP2   . DG  B 1 2  ? 2.582   6.871   -16.228 1.00 66.01 ? 14  DG  B OP2   1 
ATOM   270 O "O5'" . DG  B 1 2  ? 4.909   7.609   -15.938 1.00 68.31 ? 14  DG  B "O5'" 1 
ATOM   271 C "C5'" . DG  B 1 2  ? 6.057   8.436   -16.152 1.00 61.31 ? 14  DG  B "C5'" 1 
ATOM   272 C "C4'" . DG  B 1 2  ? 6.880   8.385   -14.896 1.00 56.78 ? 14  DG  B "C4'" 1 
ATOM   273 O "O4'" . DG  B 1 2  ? 6.222   9.201   -13.909 1.00 51.71 ? 14  DG  B "O4'" 1 
ATOM   274 C "C3'" . DG  B 1 2  ? 6.960   6.977   -14.315 1.00 55.19 ? 14  DG  B "C3'" 1 
ATOM   275 O "O3'" . DG  B 1 2  ? 8.290   6.592   -13.989 1.00 65.23 ? 14  DG  B "O3'" 1 
ATOM   276 C "C2'" . DG  B 1 2  ? 6.084   7.025   -13.082 1.00 59.93 ? 14  DG  B "C2'" 1 
ATOM   277 C "C1'" . DG  B 1 2  ? 6.074   8.484   -12.698 1.00 53.16 ? 14  DG  B "C1'" 1 
ATOM   278 N N9    . DG  B 1 2  ? 4.827   8.930   -12.092 1.00 43.09 ? 14  DG  B N9    1 
ATOM   279 C C8    . DG  B 1 2  ? 3.555   8.694   -12.552 1.00 39.46 ? 14  DG  B C8    1 
ATOM   280 N N7    . DG  B 1 2  ? 2.631   9.239   -11.809 1.00 38.78 ? 14  DG  B N7    1 
ATOM   281 C C5    . DG  B 1 2  ? 3.337   9.913   -10.822 1.00 35.51 ? 14  DG  B C5    1 
ATOM   282 C C6    . DG  B 1 2  ? 2.873   10.729  -9.762  1.00 39.15 ? 14  DG  B C6    1 
ATOM   283 O O6    . DG  B 1 2  ? 1.693   11.045  -9.485  1.00 33.23 ? 14  DG  B O6    1 
ATOM   284 N N1    . DG  B 1 2  ? 3.928   11.194  -8.977  1.00 31.50 ? 14  DG  B N1    1 
ATOM   285 C C2    . DG  B 1 2  ? 5.262   10.955  -9.229  1.00 33.78 ? 14  DG  B C2    1 
ATOM   286 N N2    . DG  B 1 2  ? 6.123   11.503  -8.389  1.00 30.07 ? 14  DG  B N2    1 
ATOM   287 N N3    . DG  B 1 2  ? 5.708   10.222  -10.241 1.00 30.87 ? 14  DG  B N3    1 
ATOM   288 C C4    . DG  B 1 2  ? 4.698   9.748   -10.996 1.00 35.28 ? 14  DG  B C4    1 
ATOM   289 P P     . DC  B 1 3  ? 8.556   5.119   -13.406 1.00 63.47 ? 15  DC  B P     1 
ATOM   290 O OP1   . DC  B 1 3  ? 9.905   4.677   -13.825 1.00 67.33 ? 15  DC  B OP1   1 
ATOM   291 O OP2   . DC  B 1 3  ? 7.321   4.313   -13.626 1.00 70.00 ? 15  DC  B OP2   1 
ATOM   292 O "O5'" . DC  B 1 3  ? 8.745   5.363   -11.844 1.00 54.40 ? 15  DC  B "O5'" 1 
ATOM   293 C "C5'" . DC  B 1 3  ? 9.592   6.404   -11.338 1.00 51.25 ? 15  DC  B "C5'" 1 
ATOM   294 C "C4'" . DC  B 1 3  ? 9.141   6.721   -9.932  1.00 46.61 ? 15  DC  B "C4'" 1 
ATOM   295 O "O4'" . DC  B 1 3  ? 7.802   7.252   -9.958  1.00 42.42 ? 15  DC  B "O4'" 1 
ATOM   296 C "C3'" . DC  B 1 3  ? 9.042   5.489   -9.051  1.00 44.34 ? 15  DC  B "C3'" 1 
ATOM   297 O "O3'" . DC  B 1 3  ? 10.326  5.407   -8.458  1.00 50.96 ? 15  DC  B "O3'" 1 
ATOM   298 C "C2'" . DC  B 1 3  ? 7.934   5.826   -8.078  1.00 45.36 ? 15  DC  B "C2'" 1 
ATOM   299 C "C1'" . DC  B 1 3  ? 7.192   6.970   -8.723  1.00 39.26 ? 15  DC  B "C1'" 1 
ATOM   300 N N1    . DC  B 1 3  ? 5.766   6.777   -8.964  1.00 40.04 ? 15  DC  B N1    1 
ATOM   301 C C2    . DC  B 1 3  ? 4.886   7.533   -8.183  1.00 38.81 ? 15  DC  B C2    1 
ATOM   302 O O2    . DC  B 1 3  ? 5.358   8.283   -7.320  1.00 37.99 ? 15  DC  B O2    1 
ATOM   303 N N3    . DC  B 1 3  ? 3.561   7.460   -8.417  1.00 32.64 ? 15  DC  B N3    1 
ATOM   304 C C4    . DC  B 1 3  ? 3.093   6.618   -9.342  1.00 41.06 ? 15  DC  B C4    1 
ATOM   305 N N4    . DC  B 1 3  ? 1.772   6.567   -9.528  1.00 41.98 ? 15  DC  B N4    1 
ATOM   306 C C5    . DC  B 1 3  ? 3.967   5.837   -10.162 1.00 44.06 ? 15  DC  B C5    1 
ATOM   307 C C6    . DC  B 1 3  ? 5.285   5.945   -9.937  1.00 42.25 ? 15  DC  B C6    1 
ATOM   308 P P     . DG  B 1 4  ? 10.670  4.206   -7.468  1.00 52.67 ? 16  DG  B P     1 
ATOM   309 O OP1   . DG  B 1 4  ? 12.168  4.075   -7.499  1.00 56.56 ? 16  DG  B OP1   1 
ATOM   310 O OP2   . DG  B 1 4  ? 9.801   3.033   -7.780  1.00 43.89 ? 16  DG  B OP2   1 
ATOM   311 O "O5'" . DG  B 1 4  ? 10.181  4.803   -6.067  1.00 47.18 ? 16  DG  B "O5'" 1 
ATOM   312 C "C5'" . DG  B 1 4  ? 10.936  5.839   -5.421  1.00 40.66 ? 16  DG  B "C5'" 1 
ATOM   313 C "C4'" . DG  B 1 4  ? 10.191  6.313   -4.198  1.00 40.99 ? 16  DG  B "C4'" 1 
ATOM   314 O "O4'" . DG  B 1 4  ? 8.807   6.545   -4.555  1.00 44.71 ? 16  DG  B "O4'" 1 
ATOM   315 C "C3'" . DG  B 1 4  ? 10.153  5.307   -3.049  1.00 50.57 ? 16  DG  B "C3'" 1 
ATOM   316 O "O3'" . DG  B 1 4  ? 10.182  6.124   -1.883  1.00 53.07 ? 16  DG  B "O3'" 1 
ATOM   317 C "C2'" . DG  B 1 4  ? 8.845   4.572   -3.285  1.00 47.97 ? 16  DG  B "C2'" 1 
ATOM   318 C "C1'" . DG  B 1 4  ? 7.963   5.696   -3.772  1.00 46.26 ? 16  DG  B "C1'" 1 
ATOM   319 N N9    . DG  B 1 4  ? 6.838   5.271   -4.596  1.00 43.12 ? 16  DG  B N9    1 
ATOM   320 C C8    . DG  B 1 4  ? 6.827   4.274   -5.543  1.00 44.90 ? 16  DG  B C8    1 
ATOM   321 N N7    . DG  B 1 4  ? 5.676   4.155   -6.146  1.00 42.08 ? 16  DG  B N7    1 
ATOM   322 C C5    . DG  B 1 4  ? 4.859   5.075   -5.503  1.00 40.97 ? 16  DG  B C5    1 
ATOM   323 C C6    . DG  B 1 4  ? 3.492   5.364   -5.687  1.00 39.04 ? 16  DG  B C6    1 
ATOM   324 O O6    . DG  B 1 4  ? 2.695   4.838   -6.475  1.00 33.50 ? 16  DG  B O6    1 
ATOM   325 N N1    . DG  B 1 4  ? 3.062   6.377   -4.830  1.00 34.17 ? 16  DG  B N1    1 
ATOM   326 C C2    . DG  B 1 4  ? 3.860   7.034   -3.922  1.00 40.21 ? 16  DG  B C2    1 
ATOM   327 N N2    . DG  B 1 4  ? 3.270   7.986   -3.181  1.00 35.64 ? 16  DG  B N2    1 
ATOM   328 N N3    . DG  B 1 4  ? 5.138   6.766   -3.739  1.00 43.74 ? 16  DG  B N3    1 
ATOM   329 C C4    . DG  B 1 4  ? 5.573   5.797   -4.572  1.00 37.18 ? 16  DG  B C4    1 
ATOM   330 P P     . DA  B 1 5  ? 9.944   5.529   -0.406  1.00 60.01 ? 17  DA  B P     1 
ATOM   331 O OP1   . DA  B 1 5  ? 11.028  6.112   0.452   1.00 59.36 ? 17  DA  B OP1   1 
ATOM   332 O OP2   . DA  B 1 5  ? 9.766   4.062   -0.488  1.00 58.30 ? 17  DA  B OP2   1 
ATOM   333 O "O5'" . DA  B 1 5  ? 8.503   6.106   -0.038  1.00 58.53 ? 17  DA  B "O5'" 1 
ATOM   334 C "C5'" . DA  B 1 5  ? 8.103   7.453   -0.388  1.00 55.14 ? 17  DA  B "C5'" 1 
ATOM   335 C "C4'" . DA  B 1 5  ? 6.803   7.785   0.306   1.00 56.49 ? 17  DA  B "C4'" 1 
ATOM   336 O "O4'" . DA  B 1 5  ? 5.637   7.323   -0.447  1.00 47.99 ? 17  DA  B "O4'" 1 
ATOM   337 C "C3'" . DA  B 1 5  ? 6.677   7.145   1.689   1.00 53.29 ? 17  DA  B "C3'" 1 
ATOM   338 O "O3'" . DA  B 1 5  ? 5.930   8.096   2.436   1.00 59.36 ? 17  DA  B "O3'" 1 
ATOM   339 C "C2'" . DA  B 1 5  ? 5.951   5.843   1.397   1.00 50.22 ? 17  DA  B "C2'" 1 
ATOM   340 C "C1'" . DA  B 1 5  ? 5.008   6.241   0.253   1.00 46.71 ? 17  DA  B "C1'" 1 
ATOM   341 N N9    . DA  B 1 5  ? 4.740   5.184   -0.717  1.00 37.32 ? 17  DA  B N9    1 
ATOM   342 C C8    . DA  B 1 5  ? 5.633   4.282   -1.241  1.00 37.86 ? 17  DA  B C8    1 
ATOM   343 N N7    . DA  B 1 5  ? 5.103   3.466   -2.118  1.00 39.75 ? 17  DA  B N7    1 
ATOM   344 C C5    . DA  B 1 5  ? 3.785   3.888   -2.216  1.00 35.45 ? 17  DA  B C5    1 
ATOM   345 C C6    . DA  B 1 5  ? 2.702   3.435   -2.982  1.00 31.34 ? 17  DA  B C6    1 
ATOM   346 N N6    . DA  B 1 5  ? 2.787   2.448   -3.870  1.00 33.90 ? 17  DA  B N6    1 
ATOM   347 N N1    . DA  B 1 5  ? 1.521   4.072   -2.842  1.00 35.22 ? 17  DA  B N1    1 
ATOM   348 C C2    . DA  B 1 5  ? 1.436   5.071   -1.956  1.00 31.34 ? 17  DA  B C2    1 
ATOM   349 N N3    . DA  B 1 5  ? 2.383   5.585   -1.178  1.00 29.34 ? 17  DA  B N3    1 
ATOM   350 C C4    . DA  B 1 5  ? 3.539   4.921   -1.330  1.00 34.38 ? 17  DA  B C4    1 
ATOM   351 P P     . DA  B 1 6  ? 5.430   7.776   3.909   1.00 63.46 ? 18  DA  B P     1 
ATOM   352 O OP1   . DA  B 1 6  ? 5.406   9.056   4.634   1.00 64.68 ? 18  DA  B OP1   1 
ATOM   353 O OP2   . DA  B 1 6  ? 6.197   6.591   4.412   1.00 53.26 ? 18  DA  B OP2   1 
ATOM   354 O "O5'" . DA  B 1 6  ? 3.922   7.292   3.698   1.00 54.25 ? 18  DA  B "O5'" 1 
ATOM   355 C "C5'" . DA  B 1 6  ? 2.959   8.124   3.045   1.00 54.30 ? 18  DA  B "C5'" 1 
ATOM   356 C "C4'" . DA  B 1 6  ? 1.635   7.405   3.084   1.00 60.05 ? 18  DA  B "C4'" 1 
ATOM   357 O "O4'" . DA  B 1 6  ? 1.603   6.340   2.096   1.00 53.97 ? 18  DA  B "O4'" 1 
ATOM   358 C "C3'" . DA  B 1 6  ? 1.348   6.749   4.440   1.00 57.72 ? 18  DA  B "C3'" 1 
ATOM   359 O "O3'" . DA  B 1 6  ? 0.035   7.212   4.754   1.00 67.11 ? 18  DA  B "O3'" 1 
ATOM   360 C "C2'" . DA  B 1 6  ? 1.520   5.261   4.176   1.00 51.89 ? 18  DA  B "C2'" 1 
ATOM   361 C "C1'" . DA  B 1 6  ? 1.122   5.152   2.701   1.00 48.44 ? 18  DA  B "C1'" 1 
ATOM   362 N N9    . DA  B 1 6  ? 1.689   4.025   1.965   1.00 35.82 ? 18  DA  B N9    1 
ATOM   363 C C8    . DA  B 1 6  ? 2.973   3.552   2.022   1.00 31.86 ? 18  DA  B C8    1 
ATOM   364 N N7    . DA  B 1 6  ? 3.207   2.559   1.196   1.00 32.98 ? 18  DA  B N7    1 
ATOM   365 C C5    . DA  B 1 6  ? 2.006   2.393   0.527   1.00 28.49 ? 18  DA  B C5    1 
ATOM   366 C C6    . DA  B 1 6  ? 1.615   1.526   -0.503  1.00 32.56 ? 18  DA  B C6    1 
ATOM   367 N N6    . DA  B 1 6  ? 2.421   0.613   -1.027  1.00 32.31 ? 18  DA  B N6    1 
ATOM   368 N N1    . DA  B 1 6  ? 0.340   1.610   -0.951  1.00 30.43 ? 18  DA  B N1    1 
ATOM   369 C C2    . DA  B 1 6  ? -0.456  2.549   -0.435  1.00 37.34 ? 18  DA  B C2    1 
ATOM   370 N N3    . DA  B 1 6  ? -0.195  3.438   0.526   1.00 34.29 ? 18  DA  B N3    1 
ATOM   371 C C4    . DA  B 1 6  ? 1.063   3.294   0.980   1.00 32.88 ? 18  DA  B C4    1 
ATOM   372 P P     . DT  B 1 7  ? -0.794  6.663   6.052   1.00 74.44 ? 19  DT  B P     1 
ATOM   373 O OP1   . DT  B 1 7  ? -1.626  7.773   6.507   1.00 64.28 ? 19  DT  B OP1   1 
ATOM   374 O OP2   . DT  B 1 7  ? 0.112   5.902   6.960   1.00 58.04 ? 19  DT  B OP2   1 
ATOM   375 O "O5'" . DT  B 1 7  ? -1.824  5.635   5.410   1.00 65.35 ? 19  DT  B "O5'" 1 
ATOM   376 C "C5'" . DT  B 1 7  ? -2.649  6.050   4.319   1.00 55.18 ? 19  DT  B "C5'" 1 
ATOM   377 C "C4'" . DT  B 1 7  ? -3.274  4.808   3.734   1.00 55.11 ? 19  DT  B "C4'" 1 
ATOM   378 O "O4'" . DT  B 1 7  ? -2.282  3.909   3.171   1.00 44.44 ? 19  DT  B "O4'" 1 
ATOM   379 C "C3'" . DT  B 1 7  ? -4.040  3.990   4.780   1.00 51.36 ? 19  DT  B "C3'" 1 
ATOM   380 O "O3'" . DT  B 1 7  ? -5.357  3.960   4.237   1.00 59.86 ? 19  DT  B "O3'" 1 
ATOM   381 C "C2'" . DT  B 1 7  ? -3.309  2.653   4.827   1.00 47.78 ? 19  DT  B "C2'" 1 
ATOM   382 C "C1'" . DT  B 1 7  ? -2.725  2.582   3.429   1.00 42.93 ? 19  DT  B "C1'" 1 
ATOM   383 N N1    . DT  B 1 7  ? -1.585  1.701   3.238   1.00 36.97 ? 19  DT  B N1    1 
ATOM   384 C C2    . DT  B 1 7  ? -1.610  0.781   2.205   1.00 33.38 ? 19  DT  B C2    1 
ATOM   385 O O2    . DT  B 1 7  ? -2.589  0.576   1.523   1.00 31.82 ? 19  DT  B O2    1 
ATOM   386 N N3    . DT  B 1 7  ? -0.466  0.052   2.060   1.00 29.18 ? 19  DT  B N3    1 
ATOM   387 C C4    . DT  B 1 7  ? 0.702   0.189   2.789   1.00 33.44 ? 19  DT  B C4    1 
ATOM   388 O O4    . DT  B 1 7  ? 1.651   -0.519  2.532   1.00 32.29 ? 19  DT  B O4    1 
ATOM   389 C C5    . DT  B 1 7  ? 0.668   1.186   3.847   1.00 32.22 ? 19  DT  B C5    1 
ATOM   390 C C7    . DT  B 1 7  ? 1.885   1.401   4.692   1.00 35.85 ? 19  DT  B C7    1 
ATOM   391 C C6    . DT  B 1 7  ? -0.447  1.910   3.985   1.00 37.81 ? 19  DT  B C6    1 
ATOM   392 P P     . DT  B 1 8  ? -6.548  3.226   5.010   1.00 73.37 ? 20  DT  B P     1 
ATOM   393 O OP1   . DT  B 1 8  ? -7.762  4.082   4.837   1.00 74.65 ? 20  DT  B OP1   1 
ATOM   394 O OP2   . DT  B 1 8  ? -6.062  2.805   6.361   1.00 57.95 ? 20  DT  B OP2   1 
ATOM   395 O "O5'" . DT  B 1 8  ? -6.763  1.894   4.162   1.00 61.52 ? 20  DT  B "O5'" 1 
ATOM   396 C "C5'" . DT  B 1 8  ? -6.973  1.963   2.738   1.00 55.26 ? 20  DT  B "C5'" 1 
ATOM   397 C "C4'" . DT  B 1 8  ? -7.009  0.556   2.195   1.00 53.84 ? 20  DT  B "C4'" 1 
ATOM   398 O "O4'" . DT  B 1 8  ? -5.700  -0.046  2.294   1.00 43.92 ? 20  DT  B "O4'" 1 
ATOM   399 C "C3'" . DT  B 1 8  ? -7.954  -0.380  2.951   1.00 50.90 ? 20  DT  B "C3'" 1 
ATOM   400 O "O3'" . DT  B 1 8  ? -8.787  -0.945  1.938   1.00 62.87 ? 20  DT  B "O3'" 1 
ATOM   401 C "C2'" . DT  B 1 8  ? -7.026  -1.343  3.690   1.00 49.74 ? 20  DT  B "C2'" 1 
ATOM   402 C "C1'" . DT  B 1 8  ? -5.813  -1.381  2.776   1.00 44.10 ? 20  DT  B "C1'" 1 
ATOM   403 N N1    . DT  B 1 8  ? -4.514  -1.709  3.373   1.00 40.32 ? 20  DT  B N1    1 
ATOM   404 C C2    . DT  B 1 8  ? -3.684  -2.574  2.696   1.00 35.76 ? 20  DT  B C2    1 
ATOM   405 O O2    . DT  B 1 8  ? -4.040  -3.209  1.717   1.00 38.20 ? 20  DT  B O2    1 
ATOM   406 N N3    . DT  B 1 8  ? -2.432  -2.720  3.252   1.00 35.41 ? 20  DT  B N3    1 
ATOM   407 C C4    . DT  B 1 8  ? -1.918  -2.032  4.339   1.00 35.39 ? 20  DT  B C4    1 
ATOM   408 O O4    . DT  B 1 8  ? -0.765  -2.250  4.708   1.00 34.95 ? 20  DT  B O4    1 
ATOM   409 C C5    . DT  B 1 8  ? -2.838  -1.122  4.982   1.00 39.81 ? 20  DT  B C5    1 
ATOM   410 C C7    . DT  B 1 8  ? -2.398  -0.388  6.208   1.00 41.83 ? 20  DT  B C7    1 
ATOM   411 C C6    . DT  B 1 8  ? -4.062  -0.985  4.455   1.00 40.76 ? 20  DT  B C6    1 
HETATM 412 P P     . 1CC B 1 9  ? -9.968  -1.922  2.346   1.00 59.94 ? 21  1CC B P     1 
HETATM 413 O OP1   . 1CC B 1 9  ? -11.119 -1.674  1.382   1.00 63.64 ? 21  1CC B OP1   1 
HETATM 414 O OP2   . 1CC B 1 9  ? -10.161 -1.747  3.836   1.00 60.90 ? 21  1CC B OP2   1 
HETATM 415 O "O5'" . 1CC B 1 9  ? -9.314  -3.376  2.068   1.00 50.23 ? 21  1CC B "O5'" 1 
HETATM 416 C "C5'" . 1CC B 1 9  ? -8.707  -3.713  0.796   1.00 51.53 ? 21  1CC B "C5'" 1 
HETATM 417 C "C4'" . 1CC B 1 9  ? -7.912  -5.001  0.976   1.00 52.40 ? 21  1CC B "C4'" 1 
HETATM 418 C "C3'" . 1CC B 1 9  ? -8.743  -6.027  1.715   1.00 50.17 ? 21  1CC B "C3'" 1 
HETATM 419 C "C2'" . 1CC B 1 9  ? -7.951  -6.570  2.898   1.00 48.67 ? 21  1CC B "C2'" 1 
HETATM 420 C "C1'" . 1CC B 1 9  ? -6.536  -6.193  2.484   1.00 42.36 ? 21  1CC B "C1'" 1 
HETATM 421 O "O4'" . 1CC B 1 9  ? -6.704  -4.914  1.798   1.00 46.37 ? 21  1CC B "O4'" 1 
HETATM 422 N N1    . 1CC B 1 9  ? -5.530  -5.851  3.510   1.00 40.67 ? 21  1CC B N1    1 
HETATM 423 C C6    . 1CC B 1 9  ? -5.772  -4.937  4.428   1.00 34.81 ? 21  1CC B C6    1 
HETATM 424 C C5    . 1CC B 1 9  ? -4.804  -4.630  5.355   1.00 36.64 ? 21  1CC B C5    1 
HETATM 425 C C4    . 1CC B 1 9  ? -3.486  -5.203  5.182   1.00 33.87 ? 21  1CC B C4    1 
HETATM 426 N N4    . 1CC B 1 9  ? -2.461  -4.942  5.950   1.00 38.01 ? 21  1CC B N4    1 
HETATM 427 N N3    . 1CC B 1 9  ? -3.245  -6.099  4.197   1.00 38.01 ? 21  1CC B N3    1 
HETATM 428 C C2    . 1CC B 1 9  ? -4.237  -6.429  3.372   1.00 39.91 ? 21  1CC B C2    1 
HETATM 429 O O2    . 1CC B 1 9  ? -4.022  -7.271  2.439   1.00 41.01 ? 21  1CC B O2    1 
HETATM 430 C C21   . 1CC B 1 9  ? -5.104  -3.650  6.437   1.00 43.90 ? 21  1CC B C21   1 
HETATM 431 O O22   . 1CC B 1 9  ? -6.221  -3.159  6.414   1.00 46.32 ? 21  1CC B O22   1 
HETATM 432 O O23   . 1CC B 1 9  ? -4.258  -3.369  7.307   1.00 42.54 ? 21  1CC B O23   1 
HETATM 433 O "O3'" . 1CC B 1 9  ? -8.944  -7.040  0.765   1.00 54.36 ? 21  1CC B "O3'" 1 
ATOM   434 P P     . DG  B 1 10 ? -10.197 -8.026  0.915   1.00 63.24 ? 22  DG  B P     1 
ATOM   435 O OP1   . DG  B 1 10 ? -10.634 -8.376  -0.445  1.00 53.84 ? 22  DG  B OP1   1 
ATOM   436 O OP2   . DG  B 1 10 ? -11.126 -7.470  1.945   1.00 50.97 ? 22  DG  B OP2   1 
ATOM   437 O "O5'" . DG  B 1 10 ? -9.566  -9.329  1.574   1.00 58.34 ? 22  DG  B "O5'" 1 
ATOM   438 C "C5'" . DG  B 1 10 ? -8.576  -10.068 0.844   1.00 57.93 ? 22  DG  B "C5'" 1 
ATOM   439 C "C4'" . DG  B 1 10 ? -7.876  -10.984 1.812   1.00 55.34 ? 22  DG  B "C4'" 1 
ATOM   440 O "O4'" . DG  B 1 10 ? -7.012  -10.197 2.676   1.00 49.05 ? 22  DG  B "O4'" 1 
ATOM   441 C "C3'" . DG  B 1 10 ? -8.831  -11.735 2.745   1.00 48.75 ? 22  DG  B "C3'" 1 
ATOM   442 O "O3'" . DG  B 1 10 ? -8.241  -13.014 2.959   1.00 58.60 ? 22  DG  B "O3'" 1 
ATOM   443 C "C2'" . DG  B 1 10 ? -8.731  -10.954 4.040   1.00 50.28 ? 22  DG  B "C2'" 1 
ATOM   444 C "C1'" . DG  B 1 10 ? -7.242  -10.635 3.993   1.00 45.51 ? 22  DG  B "C1'" 1 
ATOM   445 N N9    . DG  B 1 10 ? -6.736  -9.627  4.914   1.00 42.92 ? 22  DG  B N9    1 
ATOM   446 C C8    . DG  B 1 10 ? -7.426  -8.662  5.606   1.00 37.91 ? 22  DG  B C8    1 
ATOM   447 N N7    . DG  B 1 10 ? -6.665  -7.961  6.399   1.00 37.78 ? 22  DG  B N7    1 
ATOM   448 C C5    . DG  B 1 10 ? -5.400  -8.516  6.236   1.00 34.09 ? 22  DG  B C5    1 
ATOM   449 C C6    . DG  B 1 10 ? -4.176  -8.192  6.857   1.00 33.11 ? 22  DG  B C6    1 
ATOM   450 O O6    . DG  B 1 10 ? -3.940  -7.286  7.668   1.00 33.81 ? 22  DG  B O6    1 
ATOM   451 N N1    . DG  B 1 10 ? -3.146  -9.017  6.416   1.00 32.87 ? 22  DG  B N1    1 
ATOM   452 C C2    . DG  B 1 10 ? -3.280  -10.026 5.500   1.00 32.72 ? 22  DG  B C2    1 
ATOM   453 N N2    . DG  B 1 10 ? -2.188  -10.724 5.223   1.00 29.60 ? 22  DG  B N2    1 
ATOM   454 N N3    . DG  B 1 10 ? -4.419  -10.333 4.906   1.00 32.49 ? 22  DG  B N3    1 
ATOM   455 C C4    . DG  B 1 10 ? -5.430  -9.541  5.323   1.00 35.01 ? 22  DG  B C4    1 
ATOM   456 P P     . DC  B 1 11 ? -9.073  -14.365 2.866   1.00 69.16 ? 23  DC  B P     1 
ATOM   457 O OP1   . DC  B 1 11 ? -9.460  -14.561 1.443   1.00 67.95 ? 23  DC  B OP1   1 
ATOM   458 O OP2   . DC  B 1 11 ? -10.056 -14.381 3.986   1.00 68.51 ? 23  DC  B OP2   1 
ATOM   459 O "O5'" . DC  B 1 11 ? -7.984  -15.490 3.194   1.00 60.67 ? 23  DC  B "O5'" 1 
ATOM   460 C "C5'" . DC  B 1 11 ? -6.771  -15.641 2.406   1.00 55.51 ? 23  DC  B "C5'" 1 
ATOM   461 C "C4'" . DC  B 1 11 ? -5.616  -15.938 3.329   1.00 49.85 ? 23  DC  B "C4'" 1 
ATOM   462 O "O4'" . DC  B 1 11 ? -5.284  -14.700 4.022   1.00 52.32 ? 23  DC  B "O4'" 1 
ATOM   463 C "C3'" . DC  B 1 11 ? -5.978  -16.964 4.407   1.00 46.91 ? 23  DC  B "C3'" 1 
ATOM   464 O "O3'" . DC  B 1 11 ? -5.297  -18.225 4.317   1.00 62.85 ? 23  DC  B "O3'" 1 
ATOM   465 C "C2'" . DC  B 1 11 ? -5.611  -16.296 5.714   1.00 47.23 ? 23  DC  B "C2'" 1 
ATOM   466 C "C1'" . DC  B 1 11 ? -4.892  -15.013 5.341   1.00 44.13 ? 23  DC  B "C1'" 1 
ATOM   467 N N1    . DC  B 1 11 ? -5.255  -13.881 6.222   1.00 42.25 ? 23  DC  B N1    1 
ATOM   468 C C2    . DC  B 1 11 ? -4.249  -13.293 6.987   1.00 36.95 ? 23  DC  B C2    1 
ATOM   469 O O2    . DC  B 1 11 ? -3.082  -13.696 6.856   1.00 34.27 ? 23  DC  B O2    1 
ATOM   470 N N3    . DC  B 1 11 ? -4.563  -12.293 7.831   1.00 36.06 ? 23  DC  B N3    1 
ATOM   471 C C4    . DC  B 1 11 ? -5.831  -11.896 7.953   1.00 37.38 ? 23  DC  B C4    1 
ATOM   472 N N4    . DC  B 1 11 ? -6.087  -10.903 8.800   1.00 32.57 ? 23  DC  B N4    1 
ATOM   473 C C5    . DC  B 1 11 ? -6.886  -12.504 7.215   1.00 36.20 ? 23  DC  B C5    1 
ATOM   474 C C6    . DC  B 1 11 ? -6.557  -13.496 6.382   1.00 40.65 ? 23  DC  B C6    1 
ATOM   475 P P     . DG  B 1 12 ? -5.712  -19.448 5.338   1.00 65.98 ? 24  DG  B P     1 
ATOM   476 O OP1   . DG  B 1 12 ? -5.429  -20.735 4.670   1.00 73.34 ? 24  DG  B OP1   1 
ATOM   477 O OP2   . DG  B 1 12 ? -7.014  -19.129 6.010   1.00 58.28 ? 24  DG  B OP2   1 
ATOM   478 O "O5'" . DG  B 1 12 ? -4.651  -19.374 6.524   1.00 50.48 ? 24  DG  B "O5'" 1 
ATOM   479 C "C5'" . DG  B 1 12 ? -3.255  -19.406 6.256   1.00 43.21 ? 24  DG  B "C5'" 1 
ATOM   480 C "C4'" . DG  B 1 12 ? -2.554  -18.796 7.436   1.00 45.92 ? 24  DG  B "C4'" 1 
ATOM   481 O "O4'" . DG  B 1 12 ? -2.942  -17.407 7.550   1.00 42.19 ? 24  DG  B "O4'" 1 
ATOM   482 C "C3'" . DG  B 1 12 ? -3.030  -19.402 8.751   1.00 43.48 ? 24  DG  B "C3'" 1 
ATOM   483 O "O3'" . DG  B 1 12 ? -2.415  -20.658 9.027   1.00 45.23 ? 24  DG  B "O3'" 1 
ATOM   484 C "C2'" . DG  B 1 12 ? -2.658  -18.330 9.742   1.00 41.50 ? 24  DG  B "C2'" 1 
ATOM   485 C "C1'" . DG  B 1 12 ? -2.805  -17.059 8.942   1.00 43.73 ? 24  DG  B "C1'" 1 
ATOM   486 N N9    . DG  B 1 12 ? -3.956  -16.264 9.353   1.00 40.63 ? 24  DG  B N9    1 
ATOM   487 C C8    . DG  B 1 12 ? -5.274  -16.417 8.988   1.00 42.88 ? 24  DG  B C8    1 
ATOM   488 N N7    . DG  B 1 12 ? -6.053  -15.493 9.486   1.00 37.54 ? 24  DG  B N7    1 
ATOM   489 C C5    . DG  B 1 12 ? -5.204  -14.702 10.246  1.00 38.88 ? 24  DG  B C5    1 
ATOM   490 C C6    . DG  B 1 12 ? -5.489  -13.614 11.080  1.00 37.91 ? 24  DG  B C6    1 
ATOM   491 O O6    . DG  B 1 12 ? -6.577  -13.062 11.275  1.00 42.12 ? 24  DG  B O6    1 
ATOM   492 N N1    . DG  B 1 12 ? -4.338  -13.079 11.630  1.00 33.42 ? 24  DG  B N1    1 
ATOM   493 C C2    . DG  B 1 12 ? -3.077  -13.611 11.505  1.00 34.86 ? 24  DG  B C2    1 
ATOM   494 N N2    . DG  B 1 12 ? -2.112  -13.013 12.206  1.00 31.79 ? 24  DG  B N2    1 
ATOM   495 N N3    . DG  B 1 12 ? -2.797  -14.672 10.773  1.00 32.29 ? 24  DG  B N3    1 
ATOM   496 C C4    . DG  B 1 12 ? -3.907  -15.170 10.179  1.00 37.01 ? 24  DG  B C4    1 
HETATM 497 O O     . HOH C 2 .  ? -2.339  5.305   0.237   1.00 47.03 ? 101 HOH A O     1 
HETATM 498 O O     . HOH C 2 .  ? 0.229   -11.062 1.189   1.00 48.74 ? 102 HOH A O     1 
HETATM 499 O O     . HOH C 2 .  ? -5.968  -7.195  10.435  1.00 62.93 ? 103 HOH A O     1 
HETATM 500 O O     . HOH C 2 .  ? -1.714  14.454  -7.623  1.00 43.57 ? 104 HOH A O     1 
HETATM 501 O O     . HOH C 2 .  ? 1.023   8.016   -0.569  1.00 42.95 ? 105 HOH A O     1 
HETATM 502 O O     . HOH C 2 .  ? -10.134 12.973  -2.214  1.00 55.15 ? 106 HOH A O     1 
HETATM 503 O O     . HOH C 2 .  ? -4.843  -3.617  -0.979  0.50 28.51 ? 107 HOH A O     1 
HETATM 504 O O     . HOH C 2 .  ? -2.494  -7.925  -0.828  0.50 29.57 ? 108 HOH A O     1 
HETATM 505 O O     . HOH C 2 .  ? -4.847  3.984   0.483   0.50 33.17 ? 109 HOH A O     1 
HETATM 506 O O     . HOH C 2 .  ? 9.207   -8.011  9.223   0.50 46.43 ? 110 HOH A O     1 
HETATM 507 O O     . HOH C 2 .  ? -2.419  -4.690  -8.569  0.50 40.69 ? 111 HOH A O     1 
HETATM 508 O O     . HOH D 2 .  ? 4.573   4.302   4.703   0.50 37.42 ? 101 HOH B O     1 
# 
loop_
_pdbx_poly_seq_scheme.asym_id 
_pdbx_poly_seq_scheme.entity_id 
_pdbx_poly_seq_scheme.seq_id 
_pdbx_poly_seq_scheme.mon_id 
_pdbx_poly_seq_scheme.ndb_seq_num 
_pdbx_poly_seq_scheme.pdb_seq_num 
_pdbx_poly_seq_scheme.auth_seq_num 
_pdbx_poly_seq_scheme.pdb_mon_id 
_pdbx_poly_seq_scheme.auth_mon_id 
_pdbx_poly_seq_scheme.pdb_strand_id 
_pdbx_poly_seq_scheme.pdb_ins_code 
_pdbx_poly_seq_scheme.hetero 
A 1 1  DC  1  1  1  DC  DC  A . n 
A 1 2  DG  2  2  2  DG  DG  A . n 
A 1 3  DC  3  3  3  DC  DC  A . n 
A 1 4  DG  4  4  4  DG  DG  A . n 
A 1 5  DA  5  5  5  DA  DA  A . n 
A 1 6  DA  6  6  6  DA  DA  A . n 
A 1 7  DT  7  7  7  DT  DT  A . n 
A 1 8  DT  8  8  8  DT  DT  A . n 
A 1 9  1CC 9  9  9  1CC 5CC A . n 
A 1 10 DG  10 10 10 DG  DG  A . n 
A 1 11 DC  11 11 11 DC  DC  A . n 
A 1 12 DG  12 12 12 DG  DG  A . n 
B 1 1  DC  1  13 13 DC  DC  B . n 
B 1 2  DG  2  14 14 DG  DG  B . n 
B 1 3  DC  3  15 15 DC  DC  B . n 
B 1 4  DG  4  16 16 DG  DG  B . n 
B 1 5  DA  5  17 17 DA  DA  B . n 
B 1 6  DA  6  18 18 DA  DA  B . n 
B 1 7  DT  7  19 19 DT  DT  B . n 
B 1 8  DT  8  20 20 DT  DT  B . n 
B 1 9  1CC 9  21 21 1CC 5CC B . n 
B 1 10 DG  10 22 22 DG  DG  B . n 
B 1 11 DC  11 23 23 DC  DC  B . n 
B 1 12 DG  12 24 24 DG  DG  B . n 
# 
loop_
_pdbx_nonpoly_scheme.asym_id 
_pdbx_nonpoly_scheme.entity_id 
_pdbx_nonpoly_scheme.mon_id 
_pdbx_nonpoly_scheme.ndb_seq_num 
_pdbx_nonpoly_scheme.pdb_seq_num 
_pdbx_nonpoly_scheme.auth_seq_num 
_pdbx_nonpoly_scheme.pdb_mon_id 
_pdbx_nonpoly_scheme.auth_mon_id 
_pdbx_nonpoly_scheme.pdb_strand_id 
_pdbx_nonpoly_scheme.pdb_ins_code 
C 2 HOH 1  101 1  HOH HOH A . 
C 2 HOH 2  102 2  HOH HOH A . 
C 2 HOH 3  103 3  HOH HOH A . 
C 2 HOH 4  104 4  HOH HOH A . 
C 2 HOH 5  105 5  HOH HOH A . 
C 2 HOH 6  106 6  HOH HOH A . 
C 2 HOH 7  107 7  HOH HOH A . 
C 2 HOH 8  108 8  HOH HOH A . 
C 2 HOH 9  109 9  HOH HOH A . 
C 2 HOH 10 110 11 HOH HOH A . 
C 2 HOH 11 111 12 HOH HOH A . 
D 2 HOH 1  101 10 HOH HOH B . 
# 
loop_
_pdbx_struct_mod_residue.id 
_pdbx_struct_mod_residue.label_asym_id 
_pdbx_struct_mod_residue.label_comp_id 
_pdbx_struct_mod_residue.label_seq_id 
_pdbx_struct_mod_residue.auth_asym_id 
_pdbx_struct_mod_residue.auth_comp_id 
_pdbx_struct_mod_residue.auth_seq_id 
_pdbx_struct_mod_residue.PDB_ins_code 
_pdbx_struct_mod_residue.parent_comp_id 
_pdbx_struct_mod_residue.details 
1 A 1CC 9 A 1CC 9  ? DC ? 
2 B 1CC 9 B 1CC 21 ? DC ? 
# 
_pdbx_struct_assembly.id                   1 
_pdbx_struct_assembly.details              author_and_software_defined_assembly 
_pdbx_struct_assembly.method_details       PISA 
_pdbx_struct_assembly.oligomeric_details   dimeric 
_pdbx_struct_assembly.oligomeric_count     2 
# 
_pdbx_struct_assembly_gen.assembly_id       1 
_pdbx_struct_assembly_gen.oper_expression   1 
_pdbx_struct_assembly_gen.asym_id_list      A,B,C,D 
# 
loop_
_pdbx_struct_assembly_prop.biol_id 
_pdbx_struct_assembly_prop.type 
_pdbx_struct_assembly_prop.value 
_pdbx_struct_assembly_prop.details 
1 'ABSA (A^2)' 1160 ? 
1 MORE         -3   ? 
1 'SSA (A^2)'  4560 ? 
# 
_pdbx_struct_oper_list.id                   1 
_pdbx_struct_oper_list.type                 'identity operation' 
_pdbx_struct_oper_list.name                 1_555 
_pdbx_struct_oper_list.symmetry_operation   x,y,z 
_pdbx_struct_oper_list.matrix[1][1]         1.0000000000 
_pdbx_struct_oper_list.matrix[1][2]         0.0000000000 
_pdbx_struct_oper_list.matrix[1][3]         0.0000000000 
_pdbx_struct_oper_list.vector[1]            0.0000000000 
_pdbx_struct_oper_list.matrix[2][1]         0.0000000000 
_pdbx_struct_oper_list.matrix[2][2]         1.0000000000 
_pdbx_struct_oper_list.matrix[2][3]         0.0000000000 
_pdbx_struct_oper_list.vector[2]            0.0000000000 
_pdbx_struct_oper_list.matrix[3][1]         0.0000000000 
_pdbx_struct_oper_list.matrix[3][2]         0.0000000000 
_pdbx_struct_oper_list.matrix[3][3]         1.0000000000 
_pdbx_struct_oper_list.vector[3]            0.0000000000 
# 
loop_
_pdbx_audit_revision_history.ordinal 
_pdbx_audit_revision_history.data_content_type 
_pdbx_audit_revision_history.major_revision 
_pdbx_audit_revision_history.minor_revision 
_pdbx_audit_revision_history.revision_date 
1 'Structure model' 1 0 2015-02-11 
2 'Structure model' 1 1 2015-02-25 
3 'Structure model' 1 2 2023-09-20 
# 
_pdbx_audit_revision_details.ordinal             1 
_pdbx_audit_revision_details.revision_ordinal    1 
_pdbx_audit_revision_details.data_content_type   'Structure model' 
_pdbx_audit_revision_details.provider            repository 
_pdbx_audit_revision_details.type                'Initial release' 
_pdbx_audit_revision_details.description         ? 
_pdbx_audit_revision_details.details             ? 
# 
loop_
_pdbx_audit_revision_group.ordinal 
_pdbx_audit_revision_group.revision_ordinal 
_pdbx_audit_revision_group.data_content_type 
_pdbx_audit_revision_group.group 
1 2 'Structure model' 'Database references'    
2 3 'Structure model' 'Data collection'        
3 3 'Structure model' 'Database references'    
4 3 'Structure model' 'Derived calculations'   
5 3 'Structure model' 'Refinement description' 
# 
loop_
_pdbx_audit_revision_category.ordinal 
_pdbx_audit_revision_category.revision_ordinal 
_pdbx_audit_revision_category.data_content_type 
_pdbx_audit_revision_category.category 
1 3 'Structure model' chem_comp_atom                
2 3 'Structure model' chem_comp_bond                
3 3 'Structure model' database_2                    
4 3 'Structure model' pdbx_initial_refinement_model 
5 3 'Structure model' struct_conn                   
# 
loop_
_pdbx_audit_revision_item.ordinal 
_pdbx_audit_revision_item.revision_ordinal 
_pdbx_audit_revision_item.data_content_type 
_pdbx_audit_revision_item.item 
1  3 'Structure model' '_database_2.pdbx_DOI'                
2  3 'Structure model' '_database_2.pdbx_database_accession' 
3  3 'Structure model' '_struct_conn.pdbx_dist_value'        
4  3 'Structure model' '_struct_conn.pdbx_leaving_atom_flag' 
5  3 'Structure model' '_struct_conn.ptnr1_auth_asym_id'     
6  3 'Structure model' '_struct_conn.ptnr1_auth_comp_id'     
7  3 'Structure model' '_struct_conn.ptnr1_auth_seq_id'      
8  3 'Structure model' '_struct_conn.ptnr1_label_asym_id'    
9  3 'Structure model' '_struct_conn.ptnr1_label_comp_id'    
10 3 'Structure model' '_struct_conn.ptnr1_label_seq_id'     
11 3 'Structure model' '_struct_conn.ptnr2_auth_asym_id'     
12 3 'Structure model' '_struct_conn.ptnr2_auth_comp_id'     
13 3 'Structure model' '_struct_conn.ptnr2_auth_seq_id'      
14 3 'Structure model' '_struct_conn.ptnr2_label_asym_id'    
15 3 'Structure model' '_struct_conn.ptnr2_label_comp_id'    
16 3 'Structure model' '_struct_conn.ptnr2_label_seq_id'     
# 
loop_
_software.name 
_software.classification 
_software.version 
_software.citation_id 
_software.pdbx_ordinal 
MOLREP phasing          .        ? 1 
REFMAC refinement       5.8.0049 ? 2 
XDS    'data reduction' package  ? 3 
XDS    'data scaling'   package  ? 4 
# 
loop_
_pdbx_validate_rmsd_angle.id 
_pdbx_validate_rmsd_angle.PDB_model_num 
_pdbx_validate_rmsd_angle.auth_atom_id_1 
_pdbx_validate_rmsd_angle.auth_asym_id_1 
_pdbx_validate_rmsd_angle.auth_comp_id_1 
_pdbx_validate_rmsd_angle.auth_seq_id_1 
_pdbx_validate_rmsd_angle.PDB_ins_code_1 
_pdbx_validate_rmsd_angle.label_alt_id_1 
_pdbx_validate_rmsd_angle.auth_atom_id_2 
_pdbx_validate_rmsd_angle.auth_asym_id_2 
_pdbx_validate_rmsd_angle.auth_comp_id_2 
_pdbx_validate_rmsd_angle.auth_seq_id_2 
_pdbx_validate_rmsd_angle.PDB_ins_code_2 
_pdbx_validate_rmsd_angle.label_alt_id_2 
_pdbx_validate_rmsd_angle.auth_atom_id_3 
_pdbx_validate_rmsd_angle.auth_asym_id_3 
_pdbx_validate_rmsd_angle.auth_comp_id_3 
_pdbx_validate_rmsd_angle.auth_seq_id_3 
_pdbx_validate_rmsd_angle.PDB_ins_code_3 
_pdbx_validate_rmsd_angle.label_alt_id_3 
_pdbx_validate_rmsd_angle.angle_value 
_pdbx_validate_rmsd_angle.angle_target_value 
_pdbx_validate_rmsd_angle.angle_deviation 
_pdbx_validate_rmsd_angle.angle_standard_deviation 
_pdbx_validate_rmsd_angle.linker_flag 
1 1 "C5'" A DC 1  ? ? "C4'" A DC 1  ? ? "O4'" A DC 1  ? ? 117.51 109.80 7.71  1.10 N 
2 1 "C5'" B DC 13 ? ? "C4'" B DC 13 ? ? "O4'" B DC 13 ? ? 119.80 109.80 10.00 1.10 N 
# 
loop_
_chem_comp_atom.comp_id 
_chem_comp_atom.atom_id 
_chem_comp_atom.type_symbol 
_chem_comp_atom.pdbx_aromatic_flag 
_chem_comp_atom.pdbx_stereo_config 
_chem_comp_atom.pdbx_ordinal 
1CC P      P N N 1   
1CC OP1    O N N 2   
1CC OP2    O N N 3   
1CC "O5'"  O N N 4   
1CC "C5'"  C N N 5   
1CC "C4'"  C N R 6   
1CC "C3'"  C N S 7   
1CC "C2'"  C N N 8   
1CC "C1'"  C N R 9   
1CC "O4'"  O N N 10  
1CC N1     N N N 11  
1CC C6     C N N 12  
1CC C5     C N N 13  
1CC C4     C N N 14  
1CC N4     N N N 15  
1CC N3     N N N 16  
1CC C2     C N N 17  
1CC O2     O N N 18  
1CC C21    C N N 19  
1CC O22    O N N 20  
1CC O23    O N N 21  
1CC "O3'"  O N N 22  
1CC HOP2   H N N 23  
1CC "H5''" H N N 24  
1CC "H5'"  H N N 25  
1CC "H4'"  H N N 26  
1CC "H3'"  H N N 27  
1CC "H2''" H N N 28  
1CC "H2'"  H N N 29  
1CC "H1'"  H N N 30  
1CC H6     H N N 31  
1CC H42    H N N 32  
1CC H41    H N N 33  
1CC H5     H N N 34  
1CC "HO3'" H N N 35  
1CC OP3    O N N 36  
1CC HOP3   H N N 37  
DA  OP3    O N N 38  
DA  P      P N N 39  
DA  OP1    O N N 40  
DA  OP2    O N N 41  
DA  "O5'"  O N N 42  
DA  "C5'"  C N N 43  
DA  "C4'"  C N R 44  
DA  "O4'"  O N N 45  
DA  "C3'"  C N S 46  
DA  "O3'"  O N N 47  
DA  "C2'"  C N N 48  
DA  "C1'"  C N R 49  
DA  N9     N Y N 50  
DA  C8     C Y N 51  
DA  N7     N Y N 52  
DA  C5     C Y N 53  
DA  C6     C Y N 54  
DA  N6     N N N 55  
DA  N1     N Y N 56  
DA  C2     C Y N 57  
DA  N3     N Y N 58  
DA  C4     C Y N 59  
DA  HOP3   H N N 60  
DA  HOP2   H N N 61  
DA  "H5'"  H N N 62  
DA  "H5''" H N N 63  
DA  "H4'"  H N N 64  
DA  "H3'"  H N N 65  
DA  "HO3'" H N N 66  
DA  "H2'"  H N N 67  
DA  "H2''" H N N 68  
DA  "H1'"  H N N 69  
DA  H8     H N N 70  
DA  H61    H N N 71  
DA  H62    H N N 72  
DA  H2     H N N 73  
DC  OP3    O N N 74  
DC  P      P N N 75  
DC  OP1    O N N 76  
DC  OP2    O N N 77  
DC  "O5'"  O N N 78  
DC  "C5'"  C N N 79  
DC  "C4'"  C N R 80  
DC  "O4'"  O N N 81  
DC  "C3'"  C N S 82  
DC  "O3'"  O N N 83  
DC  "C2'"  C N N 84  
DC  "C1'"  C N R 85  
DC  N1     N N N 86  
DC  C2     C N N 87  
DC  O2     O N N 88  
DC  N3     N N N 89  
DC  C4     C N N 90  
DC  N4     N N N 91  
DC  C5     C N N 92  
DC  C6     C N N 93  
DC  HOP3   H N N 94  
DC  HOP2   H N N 95  
DC  "H5'"  H N N 96  
DC  "H5''" H N N 97  
DC  "H4'"  H N N 98  
DC  "H3'"  H N N 99  
DC  "HO3'" H N N 100 
DC  "H2'"  H N N 101 
DC  "H2''" H N N 102 
DC  "H1'"  H N N 103 
DC  H41    H N N 104 
DC  H42    H N N 105 
DC  H5     H N N 106 
DC  H6     H N N 107 
DG  OP3    O N N 108 
DG  P      P N N 109 
DG  OP1    O N N 110 
DG  OP2    O N N 111 
DG  "O5'"  O N N 112 
DG  "C5'"  C N N 113 
DG  "C4'"  C N R 114 
DG  "O4'"  O N N 115 
DG  "C3'"  C N S 116 
DG  "O3'"  O N N 117 
DG  "C2'"  C N N 118 
DG  "C1'"  C N R 119 
DG  N9     N Y N 120 
DG  C8     C Y N 121 
DG  N7     N Y N 122 
DG  C5     C Y N 123 
DG  C6     C N N 124 
DG  O6     O N N 125 
DG  N1     N N N 126 
DG  C2     C N N 127 
DG  N2     N N N 128 
DG  N3     N N N 129 
DG  C4     C Y N 130 
DG  HOP3   H N N 131 
DG  HOP2   H N N 132 
DG  "H5'"  H N N 133 
DG  "H5''" H N N 134 
DG  "H4'"  H N N 135 
DG  "H3'"  H N N 136 
DG  "HO3'" H N N 137 
DG  "H2'"  H N N 138 
DG  "H2''" H N N 139 
DG  "H1'"  H N N 140 
DG  H8     H N N 141 
DG  H1     H N N 142 
DG  H21    H N N 143 
DG  H22    H N N 144 
DT  OP3    O N N 145 
DT  P      P N N 146 
DT  OP1    O N N 147 
DT  OP2    O N N 148 
DT  "O5'"  O N N 149 
DT  "C5'"  C N N 150 
DT  "C4'"  C N R 151 
DT  "O4'"  O N N 152 
DT  "C3'"  C N S 153 
DT  "O3'"  O N N 154 
DT  "C2'"  C N N 155 
DT  "C1'"  C N R 156 
DT  N1     N N N 157 
DT  C2     C N N 158 
DT  O2     O N N 159 
DT  N3     N N N 160 
DT  C4     C N N 161 
DT  O4     O N N 162 
DT  C5     C N N 163 
DT  C7     C N N 164 
DT  C6     C N N 165 
DT  HOP3   H N N 166 
DT  HOP2   H N N 167 
DT  "H5'"  H N N 168 
DT  "H5''" H N N 169 
DT  "H4'"  H N N 170 
DT  "H3'"  H N N 171 
DT  "HO3'" H N N 172 
DT  "H2'"  H N N 173 
DT  "H2''" H N N 174 
DT  "H1'"  H N N 175 
DT  H3     H N N 176 
DT  H71    H N N 177 
DT  H72    H N N 178 
DT  H73    H N N 179 
DT  H6     H N N 180 
HOH O      O N N 181 
HOH H1     H N N 182 
HOH H2     H N N 183 
# 
loop_
_chem_comp_bond.comp_id 
_chem_comp_bond.atom_id_1 
_chem_comp_bond.atom_id_2 
_chem_comp_bond.value_order 
_chem_comp_bond.pdbx_aromatic_flag 
_chem_comp_bond.pdbx_stereo_config 
_chem_comp_bond.pdbx_ordinal 
1CC O22   C21    doub N N 1   
1CC N4    C4     sing N N 2   
1CC C21   O23    sing N N 3   
1CC C21   C5     sing N N 4   
1CC OP1   P      doub N N 5   
1CC C4    C5     sing N N 6   
1CC C4    N3     doub N N 7   
1CC C5    C6     doub N N 8   
1CC N3    C2     sing N N 9   
1CC OP2   P      sing N N 10  
1CC C6    N1     sing N N 11  
1CC P     "O5'"  sing N N 12  
1CC C2    N1     sing N N 13  
1CC C2    O2     doub N N 14  
1CC N1    "C1'"  sing N N 15  
1CC "O5'" "C5'"  sing N N 16  
1CC "C5'" "C4'"  sing N N 17  
1CC "C2'" "C1'"  sing N N 18  
1CC "C2'" "C3'"  sing N N 19  
1CC "C1'" "O4'"  sing N N 20  
1CC "C3'" "C4'"  sing N N 21  
1CC "C3'" "O3'"  sing N N 22  
1CC "O4'" "C4'"  sing N N 23  
1CC OP2   HOP2   sing N N 24  
1CC "C5'" "H5''" sing N N 25  
1CC "C5'" "H5'"  sing N N 26  
1CC "C4'" "H4'"  sing N N 27  
1CC "C3'" "H3'"  sing N N 28  
1CC "C2'" "H2''" sing N N 29  
1CC "C2'" "H2'"  sing N N 30  
1CC "C1'" "H1'"  sing N N 31  
1CC C6    H6     sing N N 32  
1CC N4    H42    sing N N 33  
1CC N4    H41    sing N N 34  
1CC O23   H5     sing N N 35  
1CC "O3'" "HO3'" sing N N 36  
1CC P     OP3    sing N N 37  
1CC OP3   HOP3   sing N N 38  
DA  OP3   P      sing N N 39  
DA  OP3   HOP3   sing N N 40  
DA  P     OP1    doub N N 41  
DA  P     OP2    sing N N 42  
DA  P     "O5'"  sing N N 43  
DA  OP2   HOP2   sing N N 44  
DA  "O5'" "C5'"  sing N N 45  
DA  "C5'" "C4'"  sing N N 46  
DA  "C5'" "H5'"  sing N N 47  
DA  "C5'" "H5''" sing N N 48  
DA  "C4'" "O4'"  sing N N 49  
DA  "C4'" "C3'"  sing N N 50  
DA  "C4'" "H4'"  sing N N 51  
DA  "O4'" "C1'"  sing N N 52  
DA  "C3'" "O3'"  sing N N 53  
DA  "C3'" "C2'"  sing N N 54  
DA  "C3'" "H3'"  sing N N 55  
DA  "O3'" "HO3'" sing N N 56  
DA  "C2'" "C1'"  sing N N 57  
DA  "C2'" "H2'"  sing N N 58  
DA  "C2'" "H2''" sing N N 59  
DA  "C1'" N9     sing N N 60  
DA  "C1'" "H1'"  sing N N 61  
DA  N9    C8     sing Y N 62  
DA  N9    C4     sing Y N 63  
DA  C8    N7     doub Y N 64  
DA  C8    H8     sing N N 65  
DA  N7    C5     sing Y N 66  
DA  C5    C6     sing Y N 67  
DA  C5    C4     doub Y N 68  
DA  C6    N6     sing N N 69  
DA  C6    N1     doub Y N 70  
DA  N6    H61    sing N N 71  
DA  N6    H62    sing N N 72  
DA  N1    C2     sing Y N 73  
DA  C2    N3     doub Y N 74  
DA  C2    H2     sing N N 75  
DA  N3    C4     sing Y N 76  
DC  OP3   P      sing N N 77  
DC  OP3   HOP3   sing N N 78  
DC  P     OP1    doub N N 79  
DC  P     OP2    sing N N 80  
DC  P     "O5'"  sing N N 81  
DC  OP2   HOP2   sing N N 82  
DC  "O5'" "C5'"  sing N N 83  
DC  "C5'" "C4'"  sing N N 84  
DC  "C5'" "H5'"  sing N N 85  
DC  "C5'" "H5''" sing N N 86  
DC  "C4'" "O4'"  sing N N 87  
DC  "C4'" "C3'"  sing N N 88  
DC  "C4'" "H4'"  sing N N 89  
DC  "O4'" "C1'"  sing N N 90  
DC  "C3'" "O3'"  sing N N 91  
DC  "C3'" "C2'"  sing N N 92  
DC  "C3'" "H3'"  sing N N 93  
DC  "O3'" "HO3'" sing N N 94  
DC  "C2'" "C1'"  sing N N 95  
DC  "C2'" "H2'"  sing N N 96  
DC  "C2'" "H2''" sing N N 97  
DC  "C1'" N1     sing N N 98  
DC  "C1'" "H1'"  sing N N 99  
DC  N1    C2     sing N N 100 
DC  N1    C6     sing N N 101 
DC  C2    O2     doub N N 102 
DC  C2    N3     sing N N 103 
DC  N3    C4     doub N N 104 
DC  C4    N4     sing N N 105 
DC  C4    C5     sing N N 106 
DC  N4    H41    sing N N 107 
DC  N4    H42    sing N N 108 
DC  C5    C6     doub N N 109 
DC  C5    H5     sing N N 110 
DC  C6    H6     sing N N 111 
DG  OP3   P      sing N N 112 
DG  OP3   HOP3   sing N N 113 
DG  P     OP1    doub N N 114 
DG  P     OP2    sing N N 115 
DG  P     "O5'"  sing N N 116 
DG  OP2   HOP2   sing N N 117 
DG  "O5'" "C5'"  sing N N 118 
DG  "C5'" "C4'"  sing N N 119 
DG  "C5'" "H5'"  sing N N 120 
DG  "C5'" "H5''" sing N N 121 
DG  "C4'" "O4'"  sing N N 122 
DG  "C4'" "C3'"  sing N N 123 
DG  "C4'" "H4'"  sing N N 124 
DG  "O4'" "C1'"  sing N N 125 
DG  "C3'" "O3'"  sing N N 126 
DG  "C3'" "C2'"  sing N N 127 
DG  "C3'" "H3'"  sing N N 128 
DG  "O3'" "HO3'" sing N N 129 
DG  "C2'" "C1'"  sing N N 130 
DG  "C2'" "H2'"  sing N N 131 
DG  "C2'" "H2''" sing N N 132 
DG  "C1'" N9     sing N N 133 
DG  "C1'" "H1'"  sing N N 134 
DG  N9    C8     sing Y N 135 
DG  N9    C4     sing Y N 136 
DG  C8    N7     doub Y N 137 
DG  C8    H8     sing N N 138 
DG  N7    C5     sing Y N 139 
DG  C5    C6     sing N N 140 
DG  C5    C4     doub Y N 141 
DG  C6    O6     doub N N 142 
DG  C6    N1     sing N N 143 
DG  N1    C2     sing N N 144 
DG  N1    H1     sing N N 145 
DG  C2    N2     sing N N 146 
DG  C2    N3     doub N N 147 
DG  N2    H21    sing N N 148 
DG  N2    H22    sing N N 149 
DG  N3    C4     sing N N 150 
DT  OP3   P      sing N N 151 
DT  OP3   HOP3   sing N N 152 
DT  P     OP1    doub N N 153 
DT  P     OP2    sing N N 154 
DT  P     "O5'"  sing N N 155 
DT  OP2   HOP2   sing N N 156 
DT  "O5'" "C5'"  sing N N 157 
DT  "C5'" "C4'"  sing N N 158 
DT  "C5'" "H5'"  sing N N 159 
DT  "C5'" "H5''" sing N N 160 
DT  "C4'" "O4'"  sing N N 161 
DT  "C4'" "C3'"  sing N N 162 
DT  "C4'" "H4'"  sing N N 163 
DT  "O4'" "C1'"  sing N N 164 
DT  "C3'" "O3'"  sing N N 165 
DT  "C3'" "C2'"  sing N N 166 
DT  "C3'" "H3'"  sing N N 167 
DT  "O3'" "HO3'" sing N N 168 
DT  "C2'" "C1'"  sing N N 169 
DT  "C2'" "H2'"  sing N N 170 
DT  "C2'" "H2''" sing N N 171 
DT  "C1'" N1     sing N N 172 
DT  "C1'" "H1'"  sing N N 173 
DT  N1    C2     sing N N 174 
DT  N1    C6     sing N N 175 
DT  C2    O2     doub N N 176 
DT  C2    N3     sing N N 177 
DT  N3    C4     sing N N 178 
DT  N3    H3     sing N N 179 
DT  C4    O4     doub N N 180 
DT  C4    C5     sing N N 181 
DT  C5    C7     sing N N 182 
DT  C5    C6     doub N N 183 
DT  C7    H71    sing N N 184 
DT  C7    H72    sing N N 185 
DT  C7    H73    sing N N 186 
DT  C6    H6     sing N N 187 
HOH O     H1     sing N N 188 
HOH O     H2     sing N N 189 
# 
loop_
_ndb_struct_conf_na.entry_id 
_ndb_struct_conf_na.feature 
4PWM 'double helix'         
4PWM 'b-form double helix'  
4PWM 'mismatched base pair' 
# 
loop_
_ndb_struct_na_base_pair.model_number 
_ndb_struct_na_base_pair.i_label_asym_id 
_ndb_struct_na_base_pair.i_label_comp_id 
_ndb_struct_na_base_pair.i_label_seq_id 
_ndb_struct_na_base_pair.i_symmetry 
_ndb_struct_na_base_pair.j_label_asym_id 
_ndb_struct_na_base_pair.j_label_comp_id 
_ndb_struct_na_base_pair.j_label_seq_id 
_ndb_struct_na_base_pair.j_symmetry 
_ndb_struct_na_base_pair.shear 
_ndb_struct_na_base_pair.stretch 
_ndb_struct_na_base_pair.stagger 
_ndb_struct_na_base_pair.buckle 
_ndb_struct_na_base_pair.propeller 
_ndb_struct_na_base_pair.opening 
_ndb_struct_na_base_pair.pair_number 
_ndb_struct_na_base_pair.pair_name 
_ndb_struct_na_base_pair.i_auth_asym_id 
_ndb_struct_na_base_pair.i_auth_seq_id 
_ndb_struct_na_base_pair.i_PDB_ins_code 
_ndb_struct_na_base_pair.j_auth_asym_id 
_ndb_struct_na_base_pair.j_auth_seq_id 
_ndb_struct_na_base_pair.j_PDB_ins_code 
_ndb_struct_na_base_pair.hbond_type_28 
_ndb_struct_na_base_pair.hbond_type_12 
1 A DC 1  1_555 B DG 12 1_555 0.279  -0.256 -0.019 2.870  -5.726  0.465  1  A_DC1:DG24_B  A 1  ? B 24 ? 19 1 
1 A DG 2  1_555 B DC 11 1_555 -0.370 -0.281 0.186  -2.766 -12.723 -4.343 2  A_DG2:DC23_B  A 2  ? B 23 ? 19 1 
1 A DC 3  1_555 B DG 10 1_555 0.204  -0.158 0.097  -1.594 -6.842  -0.651 3  A_DC3:DG22_B  A 3  ? B 22 ? 19 1 
1 A DA 5  1_555 B DT 8  1_555 -0.003 -0.082 -0.018 7.375  -13.252 2.932  4  A_DA5:DT20_B  A 5  ? B 20 ? 20 1 
1 A DA 6  1_555 B DT 7  1_555 -0.030 -0.087 0.092  2.758  -15.908 4.021  5  A_DA6:DT19_B  A 6  ? B 19 ? 20 1 
1 A DT 7  1_555 B DA 6  1_555 0.118  -0.159 0.077  -0.148 -15.833 3.062  6  A_DT7:DA18_B  A 7  ? B 18 ? 20 1 
1 A DT 8  1_555 B DA 5  1_555 -0.001 -0.204 0.075  -2.741 -16.098 5.040  7  A_DT8:DA17_B  A 8  ? B 17 ? 20 1 
1 A DG 10 1_555 B DC 3  1_555 -0.167 -0.236 0.175  5.255  -5.043  1.277  8  A_DG10:DC15_B A 10 ? B 15 ? 19 1 
1 A DC 11 1_555 B DG 2  1_555 0.175  -0.274 0.305  3.431  -14.420 -2.595 9  A_DC11:DG14_B A 11 ? B 14 ? 19 1 
1 A DG 12 1_555 B DC 1  1_555 -0.318 -0.249 0.139  8.773  -2.683  -2.081 10 A_DG12:DC13_B A 12 ? B 13 ? 19 1 
# 
loop_
_ndb_struct_na_base_pair_step.model_number 
_ndb_struct_na_base_pair_step.i_label_asym_id_1 
_ndb_struct_na_base_pair_step.i_label_comp_id_1 
_ndb_struct_na_base_pair_step.i_label_seq_id_1 
_ndb_struct_na_base_pair_step.i_symmetry_1 
_ndb_struct_na_base_pair_step.j_label_asym_id_1 
_ndb_struct_na_base_pair_step.j_label_comp_id_1 
_ndb_struct_na_base_pair_step.j_label_seq_id_1 
_ndb_struct_na_base_pair_step.j_symmetry_1 
_ndb_struct_na_base_pair_step.i_label_asym_id_2 
_ndb_struct_na_base_pair_step.i_label_comp_id_2 
_ndb_struct_na_base_pair_step.i_label_seq_id_2 
_ndb_struct_na_base_pair_step.i_symmetry_2 
_ndb_struct_na_base_pair_step.j_label_asym_id_2 
_ndb_struct_na_base_pair_step.j_label_comp_id_2 
_ndb_struct_na_base_pair_step.j_label_seq_id_2 
_ndb_struct_na_base_pair_step.j_symmetry_2 
_ndb_struct_na_base_pair_step.shift 
_ndb_struct_na_base_pair_step.slide 
_ndb_struct_na_base_pair_step.rise 
_ndb_struct_na_base_pair_step.tilt 
_ndb_struct_na_base_pair_step.roll 
_ndb_struct_na_base_pair_step.twist 
_ndb_struct_na_base_pair_step.x_displacement 
_ndb_struct_na_base_pair_step.y_displacement 
_ndb_struct_na_base_pair_step.helical_rise 
_ndb_struct_na_base_pair_step.inclination 
_ndb_struct_na_base_pair_step.tip 
_ndb_struct_na_base_pair_step.helical_twist 
_ndb_struct_na_base_pair_step.step_number 
_ndb_struct_na_base_pair_step.step_name 
_ndb_struct_na_base_pair_step.i_auth_asym_id_1 
_ndb_struct_na_base_pair_step.i_auth_seq_id_1 
_ndb_struct_na_base_pair_step.i_PDB_ins_code_1 
_ndb_struct_na_base_pair_step.j_auth_asym_id_1 
_ndb_struct_na_base_pair_step.j_auth_seq_id_1 
_ndb_struct_na_base_pair_step.j_PDB_ins_code_1 
_ndb_struct_na_base_pair_step.i_auth_asym_id_2 
_ndb_struct_na_base_pair_step.i_auth_seq_id_2 
_ndb_struct_na_base_pair_step.i_PDB_ins_code_2 
_ndb_struct_na_base_pair_step.j_auth_asym_id_2 
_ndb_struct_na_base_pair_step.j_auth_seq_id_2 
_ndb_struct_na_base_pair_step.j_PDB_ins_code_2 
1 A DC 1  1_555 B DG 12 1_555 A DG 2  1_555 B DC 11 1_555 -1.182 -0.019 3.460 -4.746 -0.116 35.164 -0.012 1.187  3.584 -0.191 
7.811  35.472 1 AA_DC1DG2:DC23DG24_BB   A 1  ? B 24 ? A 2  ? B 23 ? 
1 A DG 2  1_555 B DC 11 1_555 A DC 3  1_555 B DG 10 1_555 0.747  0.204  3.348 1.379  -0.915 39.232 0.416  -0.942 3.366 -1.362 
-2.053 39.266 2 AA_DG2DC3:DG22DC23_BB   A 2  ? B 23 ? A 3  ? B 22 ? 
1 A DC 3  1_555 B DG 10 1_555 A DA 5  1_555 B DT 8  1_555 0.227  0.756  6.494 4.165  9.597  60.603 -0.167 0.172  6.537 9.434  
-4.094 61.414 3 AA_DC3DA5:DT20DG22_BB   A 3  ? B 22 ? A 5  ? B 20 ? 
1 A DA 5  1_555 B DT 8  1_555 A DA 6  1_555 B DT 7  1_555 0.042  -0.090 3.280 -1.284 -0.588 40.042 -0.064 -0.208 3.278 -0.858 
1.874  40.066 4 AA_DA5DA6:DT19DT20_BB   A 5  ? B 20 ? A 6  ? B 19 ? 
1 A DA 6  1_555 B DT 7  1_555 A DT 7  1_555 B DA 6  1_555 -0.025 -0.399 3.315 0.353  -0.917 34.166 -0.532 0.100  3.324 -1.560 
-0.600 34.180 5 AA_DA6DT7:DA18DT19_BB   A 6  ? B 19 ? A 7  ? B 18 ? 
1 A DT 7  1_555 B DA 6  1_555 A DT 8  1_555 B DA 5  1_555 -0.069 -0.187 3.257 0.105  -1.287 36.091 -0.121 0.125  3.261 -2.077 
-0.169 36.114 6 AA_DT7DT8:DA17DA18_BB   A 7  ? B 18 ? A 8  ? B 17 ? 
1 A DT 8  1_555 B DA 5  1_555 A DG 10 1_555 B DC 3  1_555 -0.052 0.643  6.419 -2.923 1.457  67.988 0.467  -0.170 6.427 1.302  
2.612  68.057 7 AA_DT8DG10:DC15DA17_BB  A 8  ? B 17 ? A 10 ? B 15 ? 
1 A DG 10 1_555 B DC 3  1_555 A DC 11 1_555 B DG 2  1_555 -1.299 0.574  3.364 -3.689 -5.003 41.005 1.363  1.427  3.373 -7.093 
5.230  41.453 8 AA_DG10DC11:DG14DC15_BB A 10 ? B 15 ? A 11 ? B 14 ? 
1 A DC 11 1_555 B DG 2  1_555 A DG 12 1_555 B DC 1  1_555 1.157  0.719  3.290 2.227  -1.088 35.674 1.330  -1.559 3.331 -1.773 
-3.630 35.757 9 AA_DC11DG12:DC13DG14_BB A 11 ? B 14 ? A 12 ? B 13 ? 
# 
_pdbx_entity_nonpoly.entity_id   2 
_pdbx_entity_nonpoly.name        water 
_pdbx_entity_nonpoly.comp_id     HOH 
# 
_pdbx_initial_refinement_model.id               1 
_pdbx_initial_refinement_model.entity_id_list   ? 
_pdbx_initial_refinement_model.type             'experimental model' 
_pdbx_initial_refinement_model.source_name      PDB 
_pdbx_initial_refinement_model.accession_code   436D 
_pdbx_initial_refinement_model.details          'PDB ID 436D' 
# 
